data_3JTT
#
_entry.id   3JTT
#
_cell.length_a   128.993
_cell.length_b   129.007
_cell.length_c   129.026
_cell.angle_alpha   90.00
_cell.angle_beta   90.00
_cell.angle_gamma   90.00
#
_symmetry.space_group_name_H-M   'P 21 21 21'
#
loop_
_entity.id
_entity.type
_entity.pdbx_description
1 polymer 'MHC class I Mamu-A*02'
2 polymer Beta-2-microglobulin
3 polymer 'peptide of Protein Nef'
4 water water
#
loop_
_entity_poly.entity_id
_entity_poly.type
_entity_poly.pdbx_seq_one_letter_code
_entity_poly.pdbx_strand_id
1 'polypeptide(L)'
;GSHSMRYFYTSMSRPGRWEPRFIAVGYVDDTQFVRFDSDAASQRMEPRAPWVEQEGPEYWDRETRNMKAETQNAPVNLRN
LRGYYNQSEAGSHTIQRMYGCDLGPDGRLLRGYHQSAYDGKDYIALNEDLRSWTAADMAAQNTQRKWEAAGEAEQHRTYL
EGECLEWLRRYLENGKETLQRADPPKTHVTHHPVSDQEATLRCWALGFYPAEITLTWQRDGEDQTQDTELVETRPAGDGT
FQKWAAVVVPSGKEQRYTCHVQHEGLREPLTLRWEP
;
A,D,G
2 'polypeptide(L)'
;MIQRTPKIQVYSRHPPENGKPNFLNCYVSGFHPSDIEVDLLKNGEKMGKVEHSDLSFSKDWSFYLLYYTEFTPNEKDEYA
CRVNHVTLSGPRTVKWDRDM
;
B,E,H
3 'polypeptide(L)' YTSGPGIRY C,F,I
#
# COMPACT_ATOMS: atom_id res chain seq x y z
N GLY A 1 2.11 -12.47 5.49
CA GLY A 1 2.16 -13.33 6.66
C GLY A 1 1.13 -14.44 6.59
N SER A 2 0.33 -14.57 7.64
CA SER A 2 -0.70 -15.60 7.70
C SER A 2 -2.09 -15.00 7.50
N HIS A 3 -2.91 -15.67 6.69
CA HIS A 3 -4.28 -15.24 6.45
C HIS A 3 -5.25 -16.32 6.88
N SER A 4 -6.53 -16.01 6.90
CA SER A 4 -7.53 -16.95 7.38
C SER A 4 -8.92 -16.67 6.85
N MET A 5 -9.69 -17.73 6.64
CA MET A 5 -11.11 -17.61 6.35
C MET A 5 -11.90 -18.31 7.45
N ARG A 6 -12.89 -17.62 8.00
CA ARG A 6 -13.67 -18.14 9.11
C ARG A 6 -15.16 -18.01 8.87
N TYR A 7 -15.92 -18.99 9.32
CA TYR A 7 -17.37 -18.91 9.32
C TYR A 7 -17.92 -19.10 10.73
N PHE A 8 -18.97 -18.36 11.05
CA PHE A 8 -19.55 -18.43 12.39
C PHE A 8 -21.05 -18.68 12.33
N TYR A 9 -21.46 -19.89 12.69
CA TYR A 9 -22.86 -20.27 12.67
C TYR A 9 -23.47 -20.16 14.07
N THR A 10 -24.68 -19.62 14.13
CA THR A 10 -25.41 -19.57 15.40
C THR A 10 -26.82 -20.11 15.22
N SER A 11 -27.13 -21.17 15.96
CA SER A 11 -28.44 -21.79 15.91
C SER A 11 -29.18 -21.61 17.23
N MET A 12 -30.26 -20.84 17.20
CA MET A 12 -31.01 -20.54 18.42
C MET A 12 -32.41 -21.12 18.36
N SER A 13 -32.76 -21.92 19.36
CA SER A 13 -34.16 -22.27 19.57
C SER A 13 -34.77 -21.11 20.36
N ARG A 14 -36.08 -20.94 20.26
CA ARG A 14 -36.71 -19.80 20.92
C ARG A 14 -38.22 -19.95 21.10
N PRO A 15 -38.64 -20.71 22.12
CA PRO A 15 -40.04 -20.67 22.55
C PRO A 15 -40.40 -19.26 22.97
N GLY A 16 -41.70 -18.96 23.14
CA GLY A 16 -42.75 -19.95 23.09
C GLY A 16 -42.91 -20.74 21.81
N ARG A 17 -43.17 -20.06 20.70
CA ARG A 17 -43.47 -20.75 19.45
C ARG A 17 -42.69 -20.32 18.22
N TRP A 18 -41.91 -19.25 18.34
CA TRP A 18 -41.05 -18.81 17.24
C TRP A 18 -40.22 -19.97 16.69
N GLU A 19 -40.17 -20.08 15.37
CA GLU A 19 -39.30 -21.05 14.71
C GLU A 19 -37.86 -20.75 15.10
N PRO A 20 -37.03 -21.80 15.26
CA PRO A 20 -35.61 -21.61 15.55
C PRO A 20 -34.95 -20.69 14.53
N ARG A 21 -33.86 -20.05 14.91
CA ARG A 21 -33.21 -19.08 14.03
C ARG A 21 -31.76 -19.46 13.74
N PHE A 22 -31.34 -19.25 12.50
CA PHE A 22 -29.97 -19.55 12.10
C PHE A 22 -29.28 -18.35 11.46
N ILE A 23 -28.21 -17.88 12.09
CA ILE A 23 -27.43 -16.77 11.55
C ILE A 23 -26.03 -17.25 11.17
N ALA A 24 -25.56 -16.80 10.01
CA ALA A 24 -24.22 -17.17 9.55
C ALA A 24 -23.43 -15.95 9.11
N VAL A 25 -22.13 -15.96 9.39
CA VAL A 25 -21.26 -14.85 9.06
C VAL A 25 -19.89 -15.36 8.60
N GLY A 26 -19.33 -14.73 7.58
CA GLY A 26 -18.05 -15.15 7.04
C GLY A 26 -17.01 -14.04 7.07
N TYR A 27 -15.79 -14.40 7.45
CA TYR A 27 -14.69 -13.43 7.54
C TYR A 27 -13.47 -13.88 6.75
N VAL A 28 -12.74 -12.91 6.20
CA VAL A 28 -11.40 -13.13 5.71
C VAL A 28 -10.47 -12.24 6.52
N ASP A 29 -9.64 -12.85 7.36
CA ASP A 29 -8.88 -12.11 8.35
C ASP A 29 -9.83 -11.36 9.27
N ASP A 30 -9.73 -10.03 9.28
CA ASP A 30 -10.60 -9.22 10.14
C ASP A 30 -11.73 -8.57 9.35
N THR A 31 -11.94 -9.01 8.11
CA THR A 31 -12.96 -8.43 7.25
C THR A 31 -14.09 -9.40 6.99
N GLN A 32 -15.31 -9.00 7.36
CA GLN A 32 -16.49 -9.79 7.03
C GLN A 32 -16.78 -9.65 5.54
N PHE A 33 -17.30 -10.71 4.93
CA PHE A 33 -17.57 -10.66 3.48
C PHE A 33 -18.93 -11.26 3.08
N VAL A 34 -19.53 -12.06 3.97
CA VAL A 34 -20.87 -12.60 3.70
C VAL A 34 -21.75 -12.62 4.94
N ARG A 35 -23.04 -12.75 4.73
CA ARG A 35 -24.02 -12.77 5.81
C ARG A 35 -25.22 -13.63 5.43
N PHE A 36 -25.82 -14.26 6.44
CA PHE A 36 -27.12 -14.92 6.26
C PHE A 36 -27.93 -14.85 7.55
N ASP A 37 -29.24 -14.73 7.42
CA ASP A 37 -30.11 -14.61 8.57
C ASP A 37 -31.49 -15.18 8.22
N SER A 38 -31.81 -16.33 8.80
CA SER A 38 -33.06 -17.02 8.52
C SER A 38 -34.28 -16.14 8.78
N ASP A 39 -34.09 -15.05 9.52
CA ASP A 39 -35.18 -14.12 9.82
C ASP A 39 -35.36 -13.05 8.74
N ALA A 40 -34.26 -12.68 8.11
CA ALA A 40 -34.29 -11.64 7.07
C ALA A 40 -35.19 -12.04 5.89
N ALA A 41 -35.62 -11.04 5.13
CA ALA A 41 -36.51 -11.26 4.00
C ALA A 41 -35.78 -11.91 2.82
N SER A 42 -34.57 -11.43 2.56
CA SER A 42 -33.75 -11.93 1.46
C SER A 42 -33.83 -13.44 1.27
N GLN A 43 -33.46 -14.18 2.31
CA GLN A 43 -33.40 -15.64 2.26
C GLN A 43 -32.25 -16.13 1.38
N ARG A 44 -31.22 -15.29 1.25
CA ARG A 44 -30.03 -15.66 0.48
C ARG A 44 -28.77 -15.19 1.20
N MET A 45 -27.64 -15.75 0.81
CA MET A 45 -26.35 -15.29 1.32
C MET A 45 -26.01 -13.95 0.69
N GLU A 46 -25.93 -12.90 1.51
CA GLU A 46 -25.67 -11.56 1.01
C GLU A 46 -24.21 -11.15 1.18
N PRO A 47 -23.69 -10.38 0.21
CA PRO A 47 -22.31 -9.86 0.27
C PRO A 47 -22.20 -8.76 1.31
N ARG A 48 -21.09 -8.73 2.03
CA ARG A 48 -20.83 -7.67 2.99
C ARG A 48 -19.46 -7.05 2.75
N ALA A 49 -18.86 -7.43 1.63
CA ALA A 49 -17.60 -6.84 1.18
C ALA A 49 -17.64 -6.67 -0.33
N PRO A 50 -17.06 -5.58 -0.83
CA PRO A 50 -17.06 -5.30 -2.27
C PRO A 50 -16.48 -6.42 -3.13
N TRP A 51 -15.38 -7.02 -2.68
CA TRP A 51 -14.63 -7.96 -3.51
C TRP A 51 -15.26 -9.34 -3.70
N VAL A 52 -16.40 -9.59 -3.05
CA VAL A 52 -17.16 -10.81 -3.32
C VAL A 52 -18.39 -10.50 -4.16
N GLU A 53 -18.76 -9.23 -4.20
CA GLU A 53 -19.92 -8.80 -4.97
C GLU A 53 -19.75 -9.19 -6.44
N GLN A 54 -18.50 -9.18 -6.90
CA GLN A 54 -18.16 -9.54 -8.26
C GLN A 54 -18.10 -11.06 -8.43
N GLU A 55 -19.16 -11.74 -8.05
CA GLU A 55 -19.23 -13.20 -8.16
C GLU A 55 -20.49 -13.67 -8.88
N GLY A 56 -20.34 -14.72 -9.69
CA GLY A 56 -21.43 -15.22 -10.49
C GLY A 56 -22.67 -15.59 -9.68
N PRO A 57 -23.82 -15.74 -10.36
CA PRO A 57 -25.08 -16.11 -9.72
C PRO A 57 -25.00 -17.53 -9.20
N GLU A 58 -24.19 -18.34 -9.87
CA GLU A 58 -24.01 -19.74 -9.50
C GLU A 58 -23.35 -19.85 -8.13
N TYR A 59 -22.44 -18.92 -7.84
CA TYR A 59 -21.77 -18.87 -6.54
C TYR A 59 -22.78 -18.63 -5.42
N TRP A 60 -23.57 -17.57 -5.58
CA TRP A 60 -24.56 -17.21 -4.57
C TRP A 60 -25.68 -18.24 -4.49
N ASP A 61 -25.88 -18.99 -5.57
CA ASP A 61 -26.89 -20.04 -5.59
C ASP A 61 -26.49 -21.19 -4.67
N ARG A 62 -25.22 -21.58 -4.72
CA ARG A 62 -24.71 -22.64 -3.85
C ARG A 62 -24.68 -22.18 -2.40
N GLU A 63 -24.07 -21.02 -2.17
CA GLU A 63 -23.98 -20.47 -0.83
C GLU A 63 -25.36 -20.43 -0.17
N THR A 64 -26.37 -20.05 -0.95
CA THR A 64 -27.73 -19.97 -0.46
C THR A 64 -28.28 -21.36 -0.12
N ARG A 65 -28.01 -22.32 -0.98
CA ARG A 65 -28.44 -23.70 -0.74
C ARG A 65 -27.94 -24.19 0.61
N ASN A 66 -26.64 -23.99 0.86
CA ASN A 66 -26.03 -24.41 2.11
C ASN A 66 -26.68 -23.76 3.32
N MET A 67 -26.91 -22.45 3.25
CA MET A 67 -27.54 -21.72 4.34
C MET A 67 -28.94 -22.25 4.63
N LYS A 68 -29.70 -22.54 3.58
CA LYS A 68 -31.04 -23.09 3.74
C LYS A 68 -30.98 -24.49 4.35
N ALA A 69 -30.01 -25.28 3.91
CA ALA A 69 -29.81 -26.62 4.44
C ALA A 69 -29.46 -26.56 5.93
N GLU A 70 -28.59 -25.61 6.28
CA GLU A 70 -28.21 -25.39 7.67
C GLU A 70 -29.44 -24.96 8.48
N THR A 71 -30.28 -24.15 7.86
CA THR A 71 -31.47 -23.61 8.51
C THR A 71 -32.52 -24.70 8.76
N GLN A 72 -32.59 -25.67 7.86
CA GLN A 72 -33.54 -26.78 8.01
C GLN A 72 -33.06 -27.78 9.06
N ASN A 73 -31.75 -27.98 9.11
CA ASN A 73 -31.16 -28.91 10.08
C ASN A 73 -31.19 -28.34 11.50
N ALA A 74 -31.12 -27.03 11.61
CA ALA A 74 -31.06 -26.36 12.91
C ALA A 74 -32.07 -26.88 13.94
N PRO A 75 -33.36 -26.88 13.59
CA PRO A 75 -34.38 -27.35 14.55
C PRO A 75 -34.08 -28.75 15.06
N VAL A 76 -33.70 -29.65 14.16
CA VAL A 76 -33.41 -31.03 14.53
C VAL A 76 -32.17 -31.11 15.42
N ASN A 77 -31.14 -30.35 15.08
CA ASN A 77 -29.93 -30.29 15.88
C ASN A 77 -30.23 -29.85 17.31
N LEU A 78 -30.99 -28.76 17.44
CA LEU A 78 -31.36 -28.24 18.75
C LEU A 78 -32.23 -29.25 19.49
N ARG A 79 -33.05 -29.97 18.75
CA ARG A 79 -33.96 -30.95 19.33
C ARG A 79 -33.17 -32.18 19.77
N ASN A 80 -32.11 -32.50 19.02
CA ASN A 80 -31.25 -33.63 19.36
C ASN A 80 -30.48 -33.40 20.67
N LEU A 81 -29.77 -32.28 20.75
CA LEU A 81 -28.99 -31.94 21.93
C LEU A 81 -29.89 -31.76 23.15
N ARG A 82 -31.11 -31.28 22.91
CA ARG A 82 -32.08 -31.10 23.99
C ARG A 82 -32.39 -32.46 24.60
N GLY A 83 -32.26 -33.50 23.78
CA GLY A 83 -32.50 -34.86 24.23
C GLY A 83 -31.31 -35.43 25.01
N TYR A 84 -30.11 -35.16 24.52
CA TYR A 84 -28.90 -35.67 25.18
C TYR A 84 -28.80 -35.16 26.61
N TYR A 85 -29.30 -33.96 26.85
CA TYR A 85 -29.18 -33.33 28.16
C TYR A 85 -30.47 -33.39 28.96
N ASN A 86 -31.43 -34.16 28.47
CA ASN A 86 -32.72 -34.31 29.14
C ASN A 86 -33.36 -32.96 29.46
N GLN A 87 -33.08 -31.98 28.61
CA GLN A 87 -33.61 -30.64 28.79
C GLN A 87 -35.05 -30.54 28.32
N SER A 88 -35.81 -29.63 28.92
CA SER A 88 -37.21 -29.47 28.56
C SER A 88 -37.37 -28.84 27.19
N GLU A 89 -38.39 -29.28 26.46
CA GLU A 89 -38.76 -28.65 25.19
C GLU A 89 -39.55 -27.37 25.47
N ALA A 90 -39.06 -26.56 26.40
CA ALA A 90 -39.71 -25.31 26.71
C ALA A 90 -38.69 -24.17 26.79
N GLY A 91 -37.42 -24.52 26.95
CA GLY A 91 -36.39 -23.51 27.13
C GLY A 91 -35.61 -23.17 25.87
N SER A 92 -34.87 -22.07 25.92
CA SER A 92 -34.04 -21.64 24.78
C SER A 92 -32.60 -22.15 24.88
N HIS A 93 -32.01 -22.47 23.74
CA HIS A 93 -30.63 -22.97 23.71
C HIS A 93 -29.90 -22.54 22.44
N THR A 94 -28.59 -22.68 22.44
CA THR A 94 -27.79 -22.21 21.32
C THR A 94 -26.72 -23.22 20.91
N ILE A 95 -26.60 -23.42 19.60
CA ILE A 95 -25.50 -24.20 19.05
C ILE A 95 -24.66 -23.29 18.16
N GLN A 96 -23.38 -23.16 18.48
CA GLN A 96 -22.48 -22.34 17.69
C GLN A 96 -21.48 -23.20 16.95
N ARG A 97 -21.07 -22.78 15.77
CA ARG A 97 -20.10 -23.52 14.98
C ARG A 97 -19.09 -22.61 14.33
N MET A 98 -17.82 -22.95 14.47
CA MET A 98 -16.74 -22.20 13.85
C MET A 98 -15.83 -23.15 13.09
N TYR A 99 -15.65 -22.86 11.81
CA TYR A 99 -14.72 -23.64 11.00
C TYR A 99 -14.01 -22.69 10.03
N GLY A 100 -12.94 -23.18 9.42
CA GLY A 100 -12.17 -22.38 8.49
C GLY A 100 -10.73 -22.81 8.40
N CYS A 101 -9.96 -22.10 7.59
CA CYS A 101 -8.58 -22.48 7.33
C CYS A 101 -7.60 -21.34 7.58
N ASP A 102 -6.39 -21.69 8.00
CA ASP A 102 -5.32 -20.72 8.13
C ASP A 102 -4.30 -20.96 7.03
N LEU A 103 -3.98 -19.91 6.28
CA LEU A 103 -3.04 -20.00 5.17
C LEU A 103 -1.66 -19.49 5.57
N GLY A 104 -0.68 -20.39 5.54
CA GLY A 104 0.68 -20.04 5.94
C GLY A 104 1.44 -19.29 4.86
N PRO A 105 2.59 -18.69 5.24
CA PRO A 105 3.45 -17.95 4.32
C PRO A 105 3.93 -18.84 3.17
N ASP A 106 3.88 -20.16 3.38
CA ASP A 106 4.32 -21.12 2.37
C ASP A 106 3.25 -21.37 1.33
N GLY A 107 2.01 -20.97 1.65
CA GLY A 107 0.90 -21.13 0.73
C GLY A 107 0.16 -22.45 0.91
N ARG A 108 0.47 -23.16 1.99
CA ARG A 108 -0.21 -24.42 2.28
C ARG A 108 -1.02 -24.29 3.56
N LEU A 109 -1.82 -25.31 3.88
CA LEU A 109 -2.68 -25.27 5.06
C LEU A 109 -1.87 -25.20 6.35
N LEU A 110 -1.96 -24.07 7.04
CA LEU A 110 -1.25 -23.87 8.29
C LEU A 110 -2.00 -24.51 9.46
N ARG A 111 -3.32 -24.32 9.47
CA ARG A 111 -4.17 -24.95 10.48
C ARG A 111 -5.64 -24.95 10.05
N GLY A 112 -6.37 -25.97 10.49
CA GLY A 112 -7.79 -26.09 10.16
C GLY A 112 -8.66 -26.15 11.39
N TYR A 113 -9.93 -25.79 11.25
CA TYR A 113 -10.83 -25.74 12.38
C TYR A 113 -12.23 -26.27 12.06
N HIS A 114 -12.84 -26.89 13.07
CA HIS A 114 -14.26 -27.23 13.04
C HIS A 114 -14.69 -27.56 14.45
N GLN A 115 -15.16 -26.56 15.18
CA GLN A 115 -15.54 -26.75 16.57
C GLN A 115 -16.92 -26.18 16.85
N SER A 116 -17.67 -26.87 17.71
CA SER A 116 -19.02 -26.47 18.05
C SER A 116 -19.17 -26.24 19.54
N ALA A 117 -20.19 -25.47 19.91
CA ALA A 117 -20.46 -25.19 21.31
C ALA A 117 -21.94 -25.32 21.59
N TYR A 118 -22.28 -25.77 22.78
CA TYR A 118 -23.67 -25.80 23.21
C TYR A 118 -23.88 -24.88 24.41
N ASP A 119 -24.60 -23.80 24.18
CA ASP A 119 -24.88 -22.82 25.22
C ASP A 119 -23.62 -22.16 25.76
N GLY A 120 -22.65 -21.96 24.86
CA GLY A 120 -21.45 -21.22 25.20
C GLY A 120 -20.30 -22.04 25.73
N LYS A 121 -20.51 -23.35 25.87
CA LYS A 121 -19.45 -24.25 26.32
C LYS A 121 -18.98 -25.16 25.19
N ASP A 122 -17.69 -25.43 25.16
CA ASP A 122 -17.13 -26.36 24.18
C ASP A 122 -17.96 -27.64 24.14
N TYR A 123 -18.37 -28.04 22.95
CA TYR A 123 -19.18 -29.23 22.80
C TYR A 123 -18.40 -30.35 22.14
N ILE A 124 -18.09 -30.16 20.86
CA ILE A 124 -17.28 -31.12 20.13
C ILE A 124 -16.36 -30.38 19.15
N ALA A 125 -15.17 -30.91 18.91
CA ALA A 125 -14.20 -30.21 18.08
C ALA A 125 -13.28 -31.17 17.32
N LEU A 126 -13.00 -30.81 16.07
CA LEU A 126 -12.04 -31.55 15.26
C LEU A 126 -10.64 -31.24 15.77
N ASN A 127 -9.82 -32.28 15.92
CA ASN A 127 -8.46 -32.11 16.39
C ASN A 127 -7.57 -31.51 15.30
N GLU A 128 -6.34 -31.16 15.66
CA GLU A 128 -5.43 -30.51 14.72
C GLU A 128 -5.00 -31.44 13.60
N ASP A 129 -5.15 -32.74 13.82
CA ASP A 129 -4.81 -33.74 12.80
C ASP A 129 -5.92 -33.88 11.76
N LEU A 130 -7.04 -33.22 12.02
CA LEU A 130 -8.19 -33.25 11.12
C LEU A 130 -8.68 -34.68 10.87
N ARG A 131 -8.32 -35.59 11.77
CA ARG A 131 -8.63 -37.01 11.60
C ARG A 131 -9.39 -37.60 12.78
N SER A 132 -9.55 -36.81 13.85
CA SER A 132 -10.21 -37.28 15.06
C SER A 132 -11.00 -36.18 15.75
N TRP A 133 -11.90 -36.57 16.65
CA TRP A 133 -12.74 -35.62 17.35
C TRP A 133 -12.47 -35.59 18.85
N THR A 134 -12.80 -34.47 19.49
CA THR A 134 -12.71 -34.33 20.93
C THR A 134 -14.06 -33.91 21.50
N ALA A 135 -14.76 -34.86 22.12
CA ALA A 135 -16.06 -34.59 22.70
C ALA A 135 -15.92 -34.12 24.14
N ALA A 136 -16.71 -33.12 24.53
CA ALA A 136 -16.63 -32.54 25.86
C ALA A 136 -17.27 -33.42 26.93
N ASP A 137 -18.24 -34.25 26.54
CA ASP A 137 -18.89 -35.15 27.48
C ASP A 137 -19.61 -36.29 26.77
N MET A 138 -20.23 -37.17 27.55
CA MET A 138 -20.92 -38.33 27.00
C MET A 138 -22.08 -37.94 26.09
N ALA A 139 -22.51 -36.69 26.18
CA ALA A 139 -23.55 -36.18 25.31
C ALA A 139 -22.99 -35.90 23.92
N ALA A 140 -21.89 -35.16 23.89
CA ALA A 140 -21.22 -34.83 22.65
C ALA A 140 -20.75 -36.10 21.93
N GLN A 141 -20.50 -37.16 22.70
CA GLN A 141 -20.08 -38.42 22.11
C GLN A 141 -21.20 -39.07 21.32
N ASN A 142 -22.43 -38.67 21.61
CA ASN A 142 -23.57 -39.09 20.79
C ASN A 142 -23.41 -38.51 19.39
N THR A 143 -22.98 -37.26 19.33
CA THR A 143 -22.70 -36.59 18.08
C THR A 143 -21.47 -37.21 17.44
N GLN A 144 -20.43 -37.42 18.23
CA GLN A 144 -19.19 -38.02 17.73
C GLN A 144 -19.46 -39.37 17.06
N ARG A 145 -20.25 -40.21 17.72
CA ARG A 145 -20.65 -41.49 17.14
C ARG A 145 -21.24 -41.28 15.74
N LYS A 146 -22.08 -40.25 15.61
CA LYS A 146 -22.71 -39.96 14.33
C LYS A 146 -21.72 -39.52 13.27
N TRP A 147 -20.88 -38.54 13.61
CA TRP A 147 -19.94 -37.99 12.64
C TRP A 147 -18.84 -38.97 12.25
N GLU A 148 -18.58 -39.95 13.12
CA GLU A 148 -17.58 -40.98 12.81
C GLU A 148 -18.14 -42.01 11.83
N ALA A 149 -19.41 -42.35 12.00
CA ALA A 149 -20.06 -43.32 11.11
C ALA A 149 -20.15 -42.77 9.69
N ALA A 150 -20.38 -41.47 9.58
CA ALA A 150 -20.52 -40.82 8.28
C ALA A 150 -19.16 -40.39 7.72
N GLY A 151 -18.10 -40.67 8.48
CA GLY A 151 -16.76 -40.30 8.07
C GLY A 151 -16.64 -38.81 7.82
N GLU A 152 -17.16 -38.01 8.75
CA GLU A 152 -17.17 -36.56 8.62
C GLU A 152 -15.81 -35.95 8.89
N ALA A 153 -14.99 -36.64 9.69
CA ALA A 153 -13.63 -36.17 9.97
C ALA A 153 -12.92 -35.87 8.67
N GLU A 154 -12.66 -36.91 7.88
CA GLU A 154 -12.27 -36.69 6.49
C GLU A 154 -13.52 -36.14 5.84
N GLN A 155 -13.35 -35.49 4.69
CA GLN A 155 -14.48 -34.83 4.03
C GLN A 155 -14.76 -33.48 4.67
N HIS A 156 -14.00 -33.15 5.71
CA HIS A 156 -13.93 -31.79 6.20
C HIS A 156 -12.45 -31.42 6.08
N ARG A 157 -11.60 -32.43 6.20
CA ARG A 157 -10.17 -32.27 5.93
C ARG A 157 -10.01 -31.94 4.46
N THR A 158 -10.77 -32.64 3.62
CA THR A 158 -10.73 -32.42 2.19
C THR A 158 -11.12 -30.99 1.85
N TYR A 159 -12.16 -30.50 2.50
CA TYR A 159 -12.60 -29.12 2.32
C TYR A 159 -11.52 -28.14 2.79
N LEU A 160 -11.06 -28.34 4.03
CA LEU A 160 -10.08 -27.44 4.62
C LEU A 160 -8.79 -27.36 3.79
N GLU A 161 -8.37 -28.49 3.22
CA GLU A 161 -7.14 -28.55 2.45
C GLU A 161 -7.34 -28.11 1.01
N GLY A 162 -8.57 -28.12 0.55
CA GLY A 162 -8.82 -27.74 -0.81
C GLY A 162 -9.60 -26.46 -0.92
N GLU A 163 -10.90 -26.58 -1.03
CA GLU A 163 -11.72 -25.40 -1.12
C GLU A 163 -11.38 -24.31 -0.13
N CYS A 164 -11.49 -24.54 1.17
CA CYS A 164 -11.24 -23.42 2.04
C CYS A 164 -10.05 -22.73 1.47
N LEU A 165 -9.05 -23.47 1.02
CA LEU A 165 -7.78 -22.85 0.79
C LEU A 165 -7.71 -22.14 -0.54
N GLU A 166 -8.35 -22.69 -1.53
CA GLU A 166 -8.31 -22.12 -2.82
C GLU A 166 -9.15 -20.89 -2.85
N TRP A 167 -10.28 -20.90 -2.16
CA TRP A 167 -11.14 -19.73 -2.16
C TRP A 167 -10.60 -18.60 -1.30
N LEU A 168 -9.92 -18.94 -0.21
CA LEU A 168 -9.25 -17.94 0.59
C LEU A 168 -8.27 -17.17 -0.28
N ARG A 169 -7.44 -17.90 -1.01
CA ARG A 169 -6.49 -17.30 -1.93
C ARG A 169 -7.21 -16.44 -2.95
N ARG A 170 -8.36 -16.91 -3.42
CA ARG A 170 -9.16 -16.18 -4.39
C ARG A 170 -9.63 -14.84 -3.83
N TYR A 171 -10.29 -14.88 -2.68
CA TYR A 171 -10.75 -13.66 -2.02
C TYR A 171 -9.58 -12.70 -1.81
N LEU A 172 -8.44 -13.26 -1.40
CA LEU A 172 -7.26 -12.46 -1.10
C LEU A 172 -6.72 -11.73 -2.32
N GLU A 173 -6.85 -12.35 -3.49
CA GLU A 173 -6.37 -11.74 -4.73
C GLU A 173 -7.30 -10.64 -5.20
N ASN A 174 -8.60 -10.90 -5.15
CA ASN A 174 -9.60 -9.95 -5.61
C ASN A 174 -9.73 -8.72 -4.71
N GLY A 175 -9.51 -8.92 -3.41
CA GLY A 175 -9.54 -7.82 -2.45
C GLY A 175 -8.14 -7.40 -2.04
N LYS A 176 -7.16 -7.83 -2.82
CA LYS A 176 -5.75 -7.56 -2.58
C LYS A 176 -5.49 -6.13 -2.09
N GLU A 177 -6.02 -5.15 -2.81
CA GLU A 177 -5.72 -3.74 -2.54
C GLU A 177 -6.15 -3.26 -1.16
N THR A 178 -7.00 -4.03 -0.48
CA THR A 178 -7.41 -3.70 0.88
C THR A 178 -7.03 -4.79 1.87
N LEU A 179 -7.43 -6.02 1.56
CA LEU A 179 -7.17 -7.16 2.43
C LEU A 179 -5.70 -7.32 2.77
N GLN A 180 -4.83 -6.97 1.82
CA GLN A 180 -3.40 -7.15 2.02
C GLN A 180 -2.68 -5.81 2.22
N ARG A 181 -3.45 -4.78 2.51
CA ARG A 181 -2.90 -3.48 2.88
C ARG A 181 -3.03 -3.30 4.38
N ALA A 182 -1.98 -2.77 5.00
CA ALA A 182 -2.03 -2.51 6.44
C ALA A 182 -2.14 -1.02 6.70
N ASP A 183 -3.25 -0.61 7.29
CA ASP A 183 -3.46 0.77 7.67
C ASP A 183 -2.83 1.02 9.03
N PRO A 184 -1.78 1.84 9.08
CA PRO A 184 -1.11 2.16 10.35
C PRO A 184 -2.02 3.01 11.25
N PRO A 185 -1.87 2.87 12.57
CA PRO A 185 -2.73 3.59 13.51
C PRO A 185 -2.37 5.06 13.65
N LYS A 186 -3.38 5.91 13.73
CA LYS A 186 -3.20 7.32 14.10
C LYS A 186 -3.18 7.37 15.62
N THR A 187 -2.18 8.03 16.19
CA THR A 187 -1.98 8.00 17.63
C THR A 187 -1.91 9.37 18.30
N HIS A 188 -2.32 9.41 19.56
CA HIS A 188 -2.19 10.61 20.39
C HIS A 188 -2.36 10.24 21.87
N VAL A 189 -2.10 11.20 22.75
CA VAL A 189 -2.19 10.95 24.19
C VAL A 189 -3.05 12.00 24.89
N THR A 190 -3.88 11.54 25.83
CA THR A 190 -4.70 12.43 26.63
C THR A 190 -4.37 12.31 28.11
N HIS A 191 -4.72 13.34 28.88
CA HIS A 191 -4.39 13.39 30.30
C HIS A 191 -5.58 13.88 31.14
N HIS A 192 -5.94 13.10 32.15
CA HIS A 192 -7.02 13.47 33.06
C HIS A 192 -6.57 13.30 34.50
N PRO A 193 -6.82 14.32 35.35
CA PRO A 193 -6.49 14.23 36.78
C PRO A 193 -7.45 13.31 37.53
N VAL A 194 -6.91 12.37 38.30
CA VAL A 194 -7.72 11.52 39.16
C VAL A 194 -7.89 12.19 40.52
N SER A 195 -6.77 12.43 41.19
CA SER A 195 -6.76 13.15 42.46
C SER A 195 -5.59 14.14 42.41
N ASP A 196 -5.10 14.54 43.58
CA ASP A 196 -3.97 15.45 43.65
C ASP A 196 -2.60 14.79 43.54
N GLN A 197 -2.51 13.53 43.99
CA GLN A 197 -1.26 12.79 43.94
C GLN A 197 -1.16 11.92 42.69
N GLU A 198 -2.26 11.82 41.95
CA GLU A 198 -2.30 10.93 40.79
C GLU A 198 -3.01 11.56 39.57
N ALA A 199 -2.80 10.93 38.42
CA ALA A 199 -3.41 11.36 37.17
C ALA A 199 -3.41 10.21 36.18
N THR A 200 -4.30 10.28 35.19
CA THR A 200 -4.44 9.22 34.20
C THR A 200 -3.87 9.64 32.84
N LEU A 201 -3.00 8.80 32.29
CA LEU A 201 -2.46 9.00 30.95
C LEU A 201 -3.03 7.95 29.99
N ARG A 202 -3.69 8.40 28.94
CA ARG A 202 -4.31 7.48 27.99
C ARG A 202 -3.68 7.57 26.60
N CYS A 203 -3.27 6.41 26.09
CA CYS A 203 -2.64 6.33 24.77
C CYS A 203 -3.66 5.83 23.75
N TRP A 204 -3.86 6.60 22.68
CA TRP A 204 -4.86 6.28 21.68
C TRP A 204 -4.29 5.65 20.40
N ALA A 205 -5.03 4.71 19.84
CA ALA A 205 -4.72 4.10 18.55
C ALA A 205 -5.98 4.03 17.73
N LEU A 206 -6.04 4.78 16.64
CA LEU A 206 -7.27 4.90 15.85
C LEU A 206 -7.13 4.51 14.39
N GLY A 207 -8.22 3.98 13.82
CA GLY A 207 -8.31 3.71 12.40
C GLY A 207 -7.26 2.76 11.81
N PHE A 208 -6.86 1.77 12.59
CA PHE A 208 -5.84 0.83 12.11
C PHE A 208 -6.43 -0.49 11.61
N TYR A 209 -5.64 -1.20 10.81
CA TYR A 209 -6.00 -2.52 10.30
C TYR A 209 -4.72 -3.26 9.92
N PRO A 210 -4.63 -4.55 10.27
CA PRO A 210 -5.67 -5.32 10.95
C PRO A 210 -5.74 -5.06 12.46
N ALA A 211 -6.64 -5.75 13.14
CA ALA A 211 -6.92 -5.51 14.55
C ALA A 211 -5.71 -5.76 15.46
N GLU A 212 -4.89 -6.73 15.09
CA GLU A 212 -3.71 -7.05 15.87
C GLU A 212 -2.87 -5.81 16.16
N ILE A 213 -2.69 -5.52 17.45
CA ILE A 213 -1.93 -4.35 17.86
C ILE A 213 -1.41 -4.55 19.28
N THR A 214 -0.42 -3.76 19.67
CA THR A 214 0.15 -3.86 21.00
C THR A 214 0.43 -2.48 21.60
N LEU A 215 -0.23 -2.17 22.70
CA LEU A 215 -0.04 -0.92 23.40
C LEU A 215 0.55 -1.17 24.77
N THR A 216 1.64 -0.46 25.10
CA THR A 216 2.28 -0.60 26.39
C THR A 216 2.81 0.74 26.88
N TRP A 217 2.60 1.01 28.17
CA TRP A 217 3.20 2.19 28.80
C TRP A 217 4.52 1.80 29.48
N GLN A 218 5.52 2.66 29.33
CA GLN A 218 6.84 2.38 29.89
C GLN A 218 7.34 3.48 30.80
N ARG A 219 8.04 3.08 31.86
CA ARG A 219 8.73 4.01 32.74
C ARG A 219 10.08 3.41 33.09
N ASP A 220 11.15 4.20 32.94
CA ASP A 220 12.50 3.70 33.17
C ASP A 220 12.75 2.47 32.30
N GLY A 221 12.18 2.48 31.09
CA GLY A 221 12.35 1.39 30.15
C GLY A 221 11.68 0.11 30.61
N GLU A 222 10.68 0.24 31.47
CA GLU A 222 9.98 -0.92 32.01
C GLU A 222 8.47 -0.83 31.81
N ASP A 223 7.85 -1.96 31.52
CA ASP A 223 6.40 -2.01 31.26
C ASP A 223 5.59 -1.97 32.54
N GLN A 224 4.57 -1.12 32.55
CA GLN A 224 3.67 -1.01 33.71
C GLN A 224 2.50 -1.97 33.56
N THR A 225 2.80 -3.26 33.59
CA THR A 225 1.81 -4.29 33.30
C THR A 225 0.50 -4.16 34.08
N GLN A 226 0.53 -4.46 35.37
CA GLN A 226 -0.70 -4.49 36.15
C GLN A 226 -1.20 -3.10 36.55
N ASP A 227 -0.60 -2.06 35.98
CA ASP A 227 -1.07 -0.69 36.21
C ASP A 227 -1.71 -0.15 34.94
N THR A 228 -1.53 -0.88 33.84
CA THR A 228 -2.07 -0.49 32.55
C THR A 228 -3.44 -1.11 32.31
N GLU A 229 -4.43 -0.28 31.99
CA GLU A 229 -5.76 -0.77 31.66
C GLU A 229 -5.95 -0.81 30.14
N LEU A 230 -5.88 -2.01 29.58
CA LEU A 230 -6.07 -2.21 28.15
C LEU A 230 -7.52 -2.55 27.84
N VAL A 231 -8.19 -1.68 27.09
CA VAL A 231 -9.56 -1.95 26.67
C VAL A 231 -9.59 -2.84 25.43
N GLU A 232 -10.58 -3.72 25.39
CA GLU A 232 -10.79 -4.59 24.23
C GLU A 232 -10.72 -3.77 22.95
N THR A 233 -10.04 -4.31 21.94
CA THR A 233 -9.97 -3.65 20.64
C THR A 233 -11.36 -3.61 20.01
N ARG A 234 -11.76 -2.44 19.53
CA ARG A 234 -13.12 -2.23 19.06
C ARG A 234 -13.16 -1.78 17.62
N PRO A 235 -14.29 -2.04 16.93
CA PRO A 235 -14.45 -1.64 15.53
C PRO A 235 -14.82 -0.16 15.40
N ALA A 236 -14.15 0.55 14.51
CA ALA A 236 -14.44 1.95 14.27
C ALA A 236 -15.79 2.12 13.60
N GLY A 237 -16.16 1.18 12.75
CA GLY A 237 -17.42 1.21 12.03
C GLY A 237 -17.20 1.42 10.55
N ASP A 238 -15.97 1.74 10.17
CA ASP A 238 -15.62 1.97 8.78
C ASP A 238 -14.76 0.84 8.24
N GLY A 239 -14.56 -0.19 9.05
CA GLY A 239 -13.73 -1.32 8.67
C GLY A 239 -12.46 -1.42 9.49
N THR A 240 -12.04 -0.29 10.06
CA THR A 240 -10.83 -0.25 10.88
C THR A 240 -11.16 -0.46 12.35
N PHE A 241 -10.15 -0.34 13.21
CA PHE A 241 -10.32 -0.61 14.63
C PHE A 241 -9.75 0.50 15.51
N GLN A 242 -10.10 0.45 16.79
CA GLN A 242 -9.61 1.42 17.77
C GLN A 242 -9.21 0.71 19.06
N LYS A 243 -8.32 1.33 19.82
CA LYS A 243 -7.90 0.79 21.11
C LYS A 243 -7.11 1.83 21.89
N TRP A 244 -7.18 1.75 23.21
CA TRP A 244 -6.38 2.63 24.05
C TRP A 244 -5.83 1.91 25.28
N ALA A 245 -4.85 2.53 25.92
CA ALA A 245 -4.24 1.97 27.13
C ALA A 245 -4.02 3.09 28.14
N ALA A 246 -4.54 2.91 29.34
CA ALA A 246 -4.42 3.92 30.38
C ALA A 246 -3.54 3.46 31.53
N VAL A 247 -2.85 4.40 32.15
CA VAL A 247 -2.03 4.10 33.32
C VAL A 247 -2.10 5.27 34.30
N VAL A 248 -2.30 4.95 35.58
CA VAL A 248 -2.39 5.98 36.60
C VAL A 248 -1.00 6.31 37.14
N VAL A 249 -0.64 7.60 37.05
CA VAL A 249 0.71 8.03 37.40
C VAL A 249 0.71 9.25 38.31
N PRO A 250 1.73 9.36 39.18
CA PRO A 250 1.90 10.51 40.08
C PRO A 250 1.96 11.82 39.29
N SER A 251 1.22 12.82 39.76
CA SER A 251 1.20 14.12 39.09
C SER A 251 2.60 14.73 39.04
N GLY A 252 2.84 15.56 38.03
CA GLY A 252 4.14 16.19 37.86
C GLY A 252 5.11 15.32 37.09
N LYS A 253 5.34 14.11 37.56
CA LYS A 253 6.25 13.18 36.90
C LYS A 253 5.59 12.46 35.73
N GLU A 254 4.83 13.21 34.93
CA GLU A 254 4.14 12.63 33.79
C GLU A 254 5.13 12.17 32.72
N GLN A 255 6.23 12.90 32.59
CA GLN A 255 7.18 12.71 31.51
C GLN A 255 8.08 11.48 31.63
N ARG A 256 7.99 10.76 32.75
CA ARG A 256 8.76 9.54 32.89
C ARG A 256 8.06 8.35 32.26
N TYR A 257 6.93 8.62 31.62
CA TYR A 257 6.13 7.57 30.99
C TYR A 257 6.00 7.78 29.48
N THR A 258 6.34 6.75 28.71
CA THR A 258 6.21 6.79 27.27
C THR A 258 5.35 5.63 26.77
N CYS A 259 4.46 5.91 25.83
CA CYS A 259 3.60 4.88 25.26
C CYS A 259 4.22 4.27 24.01
N HIS A 260 4.18 2.95 23.92
CA HIS A 260 4.76 2.22 22.79
C HIS A 260 3.69 1.52 21.96
N VAL A 261 3.49 2.02 20.73
CA VAL A 261 2.50 1.46 19.83
C VAL A 261 3.15 0.55 18.79
N GLN A 262 2.67 -0.69 18.70
CA GLN A 262 3.20 -1.65 17.74
C GLN A 262 2.12 -2.15 16.79
N HIS A 263 2.37 -2.00 15.50
CA HIS A 263 1.42 -2.42 14.47
C HIS A 263 2.17 -2.77 13.19
N GLU A 264 1.66 -3.75 12.44
CA GLU A 264 2.37 -4.23 11.26
C GLU A 264 2.33 -3.22 10.11
N GLY A 265 1.69 -2.08 10.35
CA GLY A 265 1.64 -1.02 9.36
C GLY A 265 2.74 0.00 9.59
N LEU A 266 3.45 -0.16 10.70
CA LEU A 266 4.54 0.75 11.05
C LEU A 266 5.89 0.07 10.83
N ARG A 267 6.87 0.85 10.38
CA ARG A 267 8.23 0.33 10.20
C ARG A 267 8.96 0.23 11.53
N GLU A 268 8.88 1.31 12.32
CA GLU A 268 9.39 1.32 13.67
C GLU A 268 8.20 1.46 14.61
N PRO A 269 8.24 0.80 15.78
CA PRO A 269 7.18 0.99 16.76
C PRO A 269 7.04 2.48 17.09
N LEU A 270 5.81 2.93 17.31
CA LEU A 270 5.53 4.33 17.56
C LEU A 270 5.79 4.67 19.02
N THR A 271 6.41 5.82 19.27
CA THR A 271 6.73 6.27 20.62
C THR A 271 6.25 7.69 20.87
N LEU A 272 5.44 7.87 21.91
CA LEU A 272 4.88 9.18 22.21
C LEU A 272 4.67 9.43 23.70
N ARG A 273 4.54 10.71 24.05
CA ARG A 273 4.24 11.13 25.42
C ARG A 273 3.16 12.20 25.42
N TRP A 274 2.75 12.62 26.62
CA TRP A 274 1.73 13.64 26.76
C TRP A 274 2.25 15.03 26.38
N GLU A 275 1.55 15.70 25.48
CA GLU A 275 1.95 17.02 25.01
C GLU A 275 0.92 18.08 25.38
N PRO A 276 1.11 18.73 26.55
CA PRO A 276 0.21 19.76 27.06
C PRO A 276 -0.03 20.87 26.04
N MET B 1 -26.92 -23.95 32.96
CA MET B 1 -26.19 -23.22 31.92
C MET B 1 -25.73 -21.86 32.43
N ILE B 2 -24.50 -21.50 32.09
CA ILE B 2 -23.95 -20.21 32.50
C ILE B 2 -24.26 -19.14 31.48
N GLN B 3 -24.60 -17.95 31.97
CA GLN B 3 -24.93 -16.82 31.11
C GLN B 3 -23.96 -15.67 31.36
N ARG B 4 -23.36 -15.17 30.29
CA ARG B 4 -22.26 -14.21 30.39
C ARG B 4 -22.74 -12.77 30.26
N THR B 5 -22.07 -11.87 30.97
CA THR B 5 -22.49 -10.47 31.05
C THR B 5 -21.96 -9.65 29.85
N PRO B 6 -22.63 -8.54 29.54
CA PRO B 6 -22.27 -7.70 28.39
C PRO B 6 -21.27 -6.59 28.74
N LYS B 7 -20.15 -6.54 28.03
CA LYS B 7 -19.21 -5.43 28.14
C LYS B 7 -19.64 -4.32 27.18
N ILE B 8 -19.58 -3.08 27.64
CA ILE B 8 -20.09 -1.95 26.86
C ILE B 8 -19.03 -0.87 26.62
N GLN B 9 -18.96 -0.38 25.39
CA GLN B 9 -18.13 0.77 25.05
C GLN B 9 -18.91 1.76 24.20
N VAL B 10 -18.87 3.03 24.60
CA VAL B 10 -19.55 4.09 23.86
C VAL B 10 -18.52 5.06 23.29
N TYR B 11 -18.55 5.25 21.97
CA TYR B 11 -17.57 6.08 21.30
C TYR B 11 -18.04 6.51 19.91
N SER B 12 -17.21 7.28 19.21
CA SER B 12 -17.54 7.76 17.89
C SER B 12 -16.61 7.17 16.82
N ARG B 13 -17.16 6.98 15.61
CA ARG B 13 -16.38 6.45 14.50
C ARG B 13 -15.14 7.29 14.26
N HIS B 14 -15.33 8.60 14.15
CA HIS B 14 -14.22 9.54 13.98
C HIS B 14 -14.06 10.37 15.24
N PRO B 15 -12.92 11.07 15.38
CA PRO B 15 -12.74 11.99 16.51
C PRO B 15 -13.87 13.01 16.55
N PRO B 16 -14.42 13.25 17.75
CA PRO B 16 -15.55 14.17 17.91
C PRO B 16 -15.18 15.61 17.60
N GLU B 17 -16.10 16.33 16.98
CA GLU B 17 -15.89 17.73 16.64
C GLU B 17 -17.24 18.43 16.48
N ASN B 18 -17.52 19.38 17.37
CA ASN B 18 -18.79 20.08 17.38
C ASN B 18 -19.20 20.62 16.01
N GLY B 19 -20.38 20.22 15.55
CA GLY B 19 -20.92 20.70 14.30
C GLY B 19 -20.54 19.83 13.11
N LYS B 20 -19.71 18.83 13.34
CA LYS B 20 -19.30 17.93 12.27
C LYS B 20 -19.98 16.57 12.38
N PRO B 21 -20.65 16.15 11.27
CA PRO B 21 -21.31 14.86 11.20
C PRO B 21 -20.39 13.71 11.56
N ASN B 22 -20.93 12.69 12.21
CA ASN B 22 -20.14 11.57 12.71
C ASN B 22 -21.05 10.38 12.97
N PHE B 23 -20.49 9.30 13.50
CA PHE B 23 -21.28 8.13 13.88
C PHE B 23 -21.09 7.80 15.36
N LEU B 24 -22.20 7.62 16.06
CA LEU B 24 -22.17 7.21 17.46
C LEU B 24 -22.19 5.69 17.53
N ASN B 25 -21.19 5.11 18.19
CA ASN B 25 -21.07 3.66 18.27
C ASN B 25 -21.30 3.11 19.67
N CYS B 26 -21.94 1.96 19.74
CA CYS B 26 -22.06 1.22 20.99
C CYS B 26 -21.64 -0.22 20.75
N TYR B 27 -20.49 -0.59 21.30
CA TYR B 27 -19.93 -1.93 21.11
C TYR B 27 -20.18 -2.81 22.33
N VAL B 28 -20.97 -3.85 22.15
CA VAL B 28 -21.24 -4.80 23.22
C VAL B 28 -20.63 -6.16 22.91
N SER B 29 -20.04 -6.79 23.91
CA SER B 29 -19.34 -8.06 23.69
C SER B 29 -19.18 -8.87 24.98
N GLY B 30 -18.74 -10.11 24.83
CA GLY B 30 -18.46 -10.98 25.96
C GLY B 30 -19.71 -11.52 26.63
N PHE B 31 -20.85 -11.40 25.95
CA PHE B 31 -22.13 -11.79 26.54
C PHE B 31 -22.69 -13.07 25.94
N HIS B 32 -23.61 -13.68 26.69
CA HIS B 32 -24.26 -14.92 26.27
C HIS B 32 -25.55 -15.05 27.08
N PRO B 33 -26.68 -15.37 26.42
CA PRO B 33 -26.82 -15.64 24.99
C PRO B 33 -26.82 -14.38 24.14
N SER B 34 -27.21 -14.52 22.88
CA SER B 34 -27.10 -13.45 21.90
C SER B 34 -28.21 -12.39 21.99
N ASP B 35 -29.37 -12.77 22.52
CA ASP B 35 -30.45 -11.81 22.68
C ASP B 35 -30.00 -10.65 23.57
N ILE B 36 -30.13 -9.44 23.05
CA ILE B 36 -29.69 -8.26 23.78
C ILE B 36 -30.43 -7.01 23.31
N GLU B 37 -30.63 -6.06 24.22
CA GLU B 37 -31.25 -4.79 23.90
C GLU B 37 -30.25 -3.66 23.97
N VAL B 38 -30.00 -3.01 22.83
CA VAL B 38 -29.08 -1.88 22.79
C VAL B 38 -29.74 -0.67 22.16
N ASP B 39 -29.70 0.46 22.87
CA ASP B 39 -30.28 1.69 22.38
C ASP B 39 -29.31 2.85 22.55
N LEU B 40 -29.23 3.70 21.53
CA LEU B 40 -28.46 4.94 21.63
C LEU B 40 -29.38 6.03 22.15
N LEU B 41 -28.87 6.88 23.03
CA LEU B 41 -29.70 7.90 23.66
C LEU B 41 -29.16 9.31 23.43
N LYS B 42 -30.03 10.19 22.93
CA LYS B 42 -29.72 11.61 22.83
C LYS B 42 -30.54 12.35 23.88
N ASN B 43 -29.86 12.81 24.93
CA ASN B 43 -30.54 13.49 26.03
C ASN B 43 -31.63 12.61 26.65
N GLY B 44 -31.26 11.37 26.97
CA GLY B 44 -32.16 10.43 27.61
C GLY B 44 -33.24 9.89 26.69
N GLU B 45 -33.29 10.39 25.47
CA GLU B 45 -34.35 10.03 24.53
C GLU B 45 -33.91 8.91 23.60
N LYS B 46 -34.73 7.87 23.46
CA LYS B 46 -34.41 6.80 22.51
C LYS B 46 -34.16 7.42 21.15
N MET B 47 -33.02 7.08 20.57
CA MET B 47 -32.46 7.87 19.46
C MET B 47 -32.33 7.53 17.98
N GLY B 48 -33.10 8.26 17.17
CA GLY B 48 -33.15 8.13 15.72
C GLY B 48 -33.36 6.71 15.24
N LYS B 49 -32.54 6.30 14.27
CA LYS B 49 -32.66 4.95 13.70
C LYS B 49 -31.32 4.22 13.72
N VAL B 50 -31.17 3.35 14.72
CA VAL B 50 -29.91 2.66 14.97
C VAL B 50 -29.81 1.36 14.20
N GLU B 51 -28.64 1.11 13.61
CA GLU B 51 -28.37 -0.16 12.96
C GLU B 51 -27.34 -0.94 13.76
N HIS B 52 -27.19 -2.23 13.45
CA HIS B 52 -26.19 -3.05 14.13
C HIS B 52 -25.56 -4.06 13.18
N SER B 53 -24.32 -4.45 13.51
CA SER B 53 -23.61 -5.43 12.71
C SER B 53 -24.30 -6.79 12.78
N ASP B 54 -23.83 -7.73 11.97
CA ASP B 54 -24.39 -9.07 11.95
C ASP B 54 -23.83 -9.90 13.11
N LEU B 55 -24.70 -10.67 13.75
CA LEU B 55 -24.31 -11.44 14.92
C LEU B 55 -23.05 -12.26 14.69
N SER B 56 -22.06 -12.09 15.56
CA SER B 56 -20.80 -12.83 15.48
C SER B 56 -20.27 -13.14 16.88
N PHE B 57 -19.46 -14.18 17.00
CA PHE B 57 -18.89 -14.53 18.31
C PHE B 57 -17.37 -14.64 18.30
N SER B 58 -16.78 -14.68 19.49
CA SER B 58 -15.33 -14.71 19.65
C SER B 58 -14.82 -16.13 19.86
N LYS B 59 -13.53 -16.24 20.13
CA LYS B 59 -12.87 -17.53 20.33
C LYS B 59 -13.51 -18.29 21.49
N ASP B 60 -13.97 -17.57 22.51
CA ASP B 60 -14.55 -18.21 23.68
C ASP B 60 -16.07 -18.32 23.60
N TRP B 61 -16.60 -18.16 22.40
CA TRP B 61 -18.03 -18.34 22.12
C TRP B 61 -18.93 -17.20 22.60
N SER B 62 -18.34 -16.12 23.10
CA SER B 62 -19.13 -14.96 23.52
C SER B 62 -19.47 -14.07 22.33
N PHE B 63 -20.69 -13.54 22.30
CA PHE B 63 -21.16 -12.76 21.16
C PHE B 63 -20.71 -11.30 21.22
N TYR B 64 -20.61 -10.67 20.06
CA TYR B 64 -20.34 -9.24 19.98
C TYR B 64 -21.12 -8.56 18.85
N LEU B 65 -21.59 -7.35 19.13
CA LEU B 65 -22.37 -6.59 18.16
C LEU B 65 -21.97 -5.12 18.22
N LEU B 66 -22.04 -4.45 17.07
CA LEU B 66 -21.80 -3.02 17.01
C LEU B 66 -23.09 -2.29 16.63
N TYR B 67 -23.61 -1.50 17.57
CA TYR B 67 -24.77 -0.67 17.31
C TYR B 67 -24.33 0.75 16.99
N TYR B 68 -24.70 1.25 15.83
CA TYR B 68 -24.24 2.55 15.37
C TYR B 68 -25.37 3.37 14.76
N THR B 69 -25.25 4.69 14.85
CA THR B 69 -26.19 5.59 14.21
C THR B 69 -25.53 6.92 13.89
N GLU B 70 -26.15 7.70 13.02
CA GLU B 70 -25.61 8.98 12.60
C GLU B 70 -25.93 10.04 13.63
N PHE B 71 -24.92 10.82 14.03
CA PHE B 71 -25.13 11.90 14.98
C PHE B 71 -24.13 13.02 14.79
N THR B 72 -24.48 14.21 15.30
CA THR B 72 -23.59 15.36 15.22
C THR B 72 -23.29 15.89 16.62
N PRO B 73 -22.11 15.55 17.15
CA PRO B 73 -21.69 15.95 18.50
C PRO B 73 -21.96 17.43 18.75
N ASN B 74 -22.76 17.72 19.78
CA ASN B 74 -23.13 19.08 20.09
C ASN B 74 -22.69 19.46 21.50
N GLU B 75 -22.44 20.74 21.72
CA GLU B 75 -22.01 21.22 23.03
C GLU B 75 -23.06 20.91 24.10
N LYS B 76 -24.30 21.30 23.84
CA LYS B 76 -25.37 21.19 24.82
C LYS B 76 -25.93 19.77 24.92
N ASP B 77 -25.57 18.91 23.98
CA ASP B 77 -26.16 17.58 23.91
C ASP B 77 -25.37 16.50 24.66
N GLU B 78 -26.10 15.55 25.22
CA GLU B 78 -25.51 14.41 25.91
C GLU B 78 -25.92 13.12 25.21
N TYR B 79 -24.98 12.21 25.04
CA TYR B 79 -25.27 10.92 24.41
C TYR B 79 -24.88 9.77 25.31
N ALA B 80 -25.60 8.66 25.20
CA ALA B 80 -25.33 7.50 26.02
C ALA B 80 -25.88 6.23 25.38
N CYS B 81 -25.39 5.08 25.85
CA CYS B 81 -25.87 3.79 25.36
C CYS B 81 -26.62 3.07 26.47
N ARG B 82 -27.81 2.57 26.14
CA ARG B 82 -28.60 1.81 27.10
C ARG B 82 -28.63 0.35 26.69
N VAL B 83 -28.13 -0.52 27.55
CA VAL B 83 -28.03 -1.94 27.24
C VAL B 83 -28.82 -2.79 28.23
N ASN B 84 -29.57 -3.76 27.71
CA ASN B 84 -30.26 -4.71 28.57
C ASN B 84 -29.99 -6.14 28.13
N HIS B 85 -29.75 -7.00 29.11
CA HIS B 85 -29.45 -8.40 28.86
C HIS B 85 -29.90 -9.23 30.05
N VAL B 86 -30.29 -10.47 29.80
CA VAL B 86 -30.84 -11.32 30.86
C VAL B 86 -29.96 -11.33 32.12
N THR B 87 -28.66 -11.18 31.93
CA THR B 87 -27.71 -11.24 33.06
C THR B 87 -27.67 -9.96 33.89
N LEU B 88 -28.37 -8.93 33.43
CA LEU B 88 -28.38 -7.64 34.13
C LEU B 88 -29.60 -7.49 35.02
N SER B 89 -29.43 -6.84 36.17
CA SER B 89 -30.54 -6.54 37.06
C SER B 89 -31.61 -5.78 36.30
N GLY B 90 -31.18 -4.71 35.63
CA GLY B 90 -32.04 -3.93 34.77
C GLY B 90 -31.19 -3.23 33.73
N PRO B 91 -31.80 -2.41 32.88
CA PRO B 91 -31.03 -1.70 31.85
C PRO B 91 -29.84 -0.96 32.46
N ARG B 92 -28.70 -1.05 31.80
CA ARG B 92 -27.50 -0.34 32.24
C ARG B 92 -27.17 0.77 31.23
N THR B 93 -26.90 1.96 31.74
CA THR B 93 -26.65 3.11 30.89
C THR B 93 -25.20 3.61 31.01
N VAL B 94 -24.52 3.70 29.87
CA VAL B 94 -23.17 4.22 29.83
C VAL B 94 -23.12 5.52 29.06
N LYS B 95 -22.71 6.60 29.73
CA LYS B 95 -22.63 7.90 29.10
C LYS B 95 -21.45 7.95 28.14
N TRP B 96 -21.61 8.69 27.04
CA TRP B 96 -20.53 8.86 26.09
C TRP B 96 -19.55 9.93 26.56
N ASP B 97 -18.31 9.52 26.79
CA ASP B 97 -17.25 10.45 27.18
C ASP B 97 -16.38 10.76 25.98
N ARG B 98 -16.27 12.05 25.65
CA ARG B 98 -15.51 12.48 24.47
C ARG B 98 -14.03 12.14 24.57
N ASP B 99 -13.61 11.55 25.67
CA ASP B 99 -12.21 11.21 25.88
C ASP B 99 -12.01 9.72 26.15
N MET B 100 -13.09 8.94 26.02
CA MET B 100 -13.03 7.49 26.18
C MET B 100 -13.77 6.78 25.05
N TYR C 1 -15.03 -20.74 0.13
CA TYR C 1 -16.45 -20.48 0.36
C TYR C 1 -17.04 -21.40 1.43
N THR C 2 -18.36 -21.52 1.47
CA THR C 2 -19.03 -22.28 2.53
C THR C 2 -18.74 -23.79 2.50
N SER C 3 -18.96 -24.44 3.63
CA SER C 3 -18.84 -25.89 3.76
C SER C 3 -20.23 -26.53 3.79
N GLY C 4 -20.38 -27.67 3.13
CA GLY C 4 -21.64 -28.39 3.08
C GLY C 4 -22.29 -28.57 4.44
N PRO C 5 -23.62 -28.70 4.46
CA PRO C 5 -24.41 -28.83 5.68
C PRO C 5 -23.94 -29.94 6.60
N GLY C 6 -23.28 -30.95 6.04
CA GLY C 6 -22.75 -32.06 6.81
C GLY C 6 -23.82 -32.89 7.49
N ILE C 7 -23.43 -33.59 8.56
CA ILE C 7 -24.33 -34.47 9.29
C ILE C 7 -24.92 -33.75 10.50
N ARG C 8 -26.12 -34.17 10.90
CA ARG C 8 -26.77 -33.58 12.06
C ARG C 8 -26.10 -34.00 13.35
N TYR C 9 -26.25 -33.19 14.39
CA TYR C 9 -25.73 -33.51 15.71
C TYR C 9 -26.50 -34.67 16.32
N GLY D 1 -7.59 -7.93 -8.25
CA GLY D 1 -8.46 -8.33 -9.34
C GLY D 1 -7.71 -8.72 -10.60
N SER D 2 -8.09 -8.11 -11.72
CA SER D 2 -7.48 -8.43 -13.01
C SER D 2 -6.69 -7.26 -13.57
N HIS D 3 -5.67 -7.57 -14.37
CA HIS D 3 -4.84 -6.54 -14.98
C HIS D 3 -4.87 -6.65 -16.50
N SER D 4 -4.29 -5.67 -17.18
CA SER D 4 -4.34 -5.63 -18.64
C SER D 4 -3.22 -4.79 -19.25
N MET D 5 -2.75 -5.22 -20.42
CA MET D 5 -1.85 -4.43 -21.22
C MET D 5 -2.52 -4.07 -22.54
N ARG D 6 -2.47 -2.80 -22.92
CA ARG D 6 -3.16 -2.34 -24.11
C ARG D 6 -2.28 -1.46 -24.97
N TYR D 7 -2.42 -1.62 -26.29
CA TYR D 7 -1.76 -0.72 -27.23
C TYR D 7 -2.80 -0.09 -28.17
N PHE D 8 -2.60 1.19 -28.48
CA PHE D 8 -3.55 1.91 -29.31
C PHE D 8 -2.84 2.58 -30.48
N TYR D 9 -3.01 2.02 -31.67
CA TYR D 9 -2.41 2.54 -32.88
C TYR D 9 -3.38 3.45 -33.63
N THR D 10 -2.89 4.60 -34.09
CA THR D 10 -3.69 5.47 -34.93
C THR D 10 -2.93 5.83 -36.21
N SER D 11 -3.50 5.46 -37.35
CA SER D 11 -2.89 5.77 -38.64
C SER D 11 -3.74 6.78 -39.41
N MET D 12 -3.19 7.97 -39.63
CA MET D 12 -3.92 9.02 -40.30
C MET D 12 -3.26 9.40 -41.63
N SER D 13 -4.05 9.35 -42.71
CA SER D 13 -3.62 9.99 -43.94
C SER D 13 -3.97 11.46 -43.80
N ARG D 14 -3.27 12.32 -44.51
CA ARG D 14 -3.51 13.76 -44.37
C ARG D 14 -3.06 14.59 -45.56
N PRO D 15 -3.83 14.52 -46.66
CA PRO D 15 -3.65 15.46 -47.77
C PRO D 15 -3.86 16.91 -47.28
N GLY D 16 -3.54 17.90 -48.09
CA GLY D 16 -3.07 17.71 -49.45
C GLY D 16 -1.75 16.98 -49.56
N ARG D 17 -0.68 17.60 -49.06
CA ARG D 17 0.64 16.98 -49.12
C ARG D 17 1.32 16.94 -47.77
N TRP D 18 1.31 15.76 -47.16
CA TRP D 18 1.89 15.55 -45.85
C TRP D 18 1.93 14.05 -45.60
N GLU D 19 3.11 13.50 -45.35
CA GLU D 19 3.25 12.08 -45.07
C GLU D 19 2.20 11.65 -44.05
N PRO D 20 1.58 10.48 -44.26
CA PRO D 20 0.64 9.95 -43.28
C PRO D 20 1.30 9.88 -41.91
N ARG D 21 0.50 9.89 -40.85
CA ARG D 21 1.04 9.93 -39.50
C ARG D 21 0.64 8.70 -38.68
N PHE D 22 1.58 8.18 -37.91
CA PHE D 22 1.33 7.03 -37.06
C PHE D 22 1.66 7.32 -35.60
N ILE D 23 0.66 7.20 -34.73
CA ILE D 23 0.86 7.39 -33.30
C ILE D 23 0.54 6.11 -32.54
N ALA D 24 1.40 5.73 -31.61
CA ALA D 24 1.19 4.54 -30.80
C ALA D 24 1.32 4.85 -29.31
N VAL D 25 0.47 4.23 -28.51
CA VAL D 25 0.49 4.42 -27.07
C VAL D 25 0.24 3.10 -26.36
N GLY D 26 0.95 2.88 -25.25
CA GLY D 26 0.82 1.64 -24.51
C GLY D 26 0.40 1.86 -23.07
N TYR D 27 -0.52 1.03 -22.59
CA TYR D 27 -1.04 1.14 -21.23
C TYR D 27 -0.90 -0.16 -20.46
N VAL D 28 -0.69 -0.04 -19.16
CA VAL D 28 -0.88 -1.15 -18.24
C VAL D 28 -1.95 -0.72 -17.26
N ASP D 29 -3.09 -1.40 -17.28
CA ASP D 29 -4.27 -0.93 -16.55
C ASP D 29 -4.60 0.49 -16.99
N ASP D 30 -4.59 1.43 -16.04
CA ASP D 30 -4.90 2.82 -16.35
C ASP D 30 -3.65 3.69 -16.42
N THR D 31 -2.49 3.05 -16.58
CA THR D 31 -1.22 3.75 -16.61
C THR D 31 -0.53 3.63 -17.95
N GLN D 32 -0.31 4.75 -18.63
CA GLN D 32 0.46 4.75 -19.86
C GLN D 32 1.92 4.48 -19.51
N PHE D 33 2.64 3.82 -20.41
CA PHE D 33 4.05 3.51 -20.14
C PHE D 33 4.98 3.71 -21.33
N VAL D 34 4.43 3.73 -22.54
CA VAL D 34 5.22 4.02 -23.74
C VAL D 34 4.49 4.91 -24.72
N ARG D 35 5.24 5.49 -25.66
CA ARG D 35 4.70 6.41 -26.64
C ARG D 35 5.50 6.34 -27.94
N PHE D 36 4.82 6.57 -29.05
CA PHE D 36 5.50 6.78 -30.33
C PHE D 36 4.72 7.73 -31.22
N ASP D 37 5.44 8.60 -31.92
CA ASP D 37 4.83 9.59 -32.78
C ASP D 37 5.71 9.82 -34.00
N SER D 38 5.26 9.35 -35.15
CA SER D 38 6.02 9.43 -36.39
C SER D 38 6.40 10.86 -36.74
N ASP D 39 5.77 11.83 -36.08
CA ASP D 39 6.06 13.24 -36.33
C ASP D 39 7.17 13.79 -35.44
N ALA D 40 7.34 13.19 -34.26
CA ALA D 40 8.36 13.63 -33.32
C ALA D 40 9.77 13.43 -33.85
N ALA D 41 10.72 14.15 -33.26
CA ALA D 41 12.12 14.08 -33.69
C ALA D 41 12.76 12.78 -33.25
N SER D 42 12.46 12.36 -32.02
CA SER D 42 13.01 11.14 -31.44
C SER D 42 13.10 9.98 -32.43
N GLN D 43 11.98 9.61 -33.01
CA GLN D 43 11.90 8.46 -33.93
C GLN D 43 12.14 7.15 -33.20
N ARG D 44 11.83 7.13 -31.91
CA ARG D 44 11.94 5.92 -31.10
C ARG D 44 10.78 5.81 -30.12
N MET D 45 10.53 4.59 -29.65
CA MET D 45 9.55 4.38 -28.60
C MET D 45 10.07 5.00 -27.31
N GLU D 46 9.33 5.94 -26.74
CA GLU D 46 9.78 6.65 -25.55
C GLU D 46 9.03 6.19 -24.31
N PRO D 47 9.74 6.14 -23.16
CA PRO D 47 9.14 5.77 -21.88
C PRO D 47 8.19 6.86 -21.38
N ARG D 48 7.07 6.46 -20.81
CA ARG D 48 6.12 7.41 -20.24
C ARG D 48 5.78 6.99 -18.81
N ALA D 49 6.50 6.00 -18.31
CA ALA D 49 6.35 5.55 -16.93
C ALA D 49 7.72 5.14 -16.39
N PRO D 50 8.00 5.49 -15.13
CA PRO D 50 9.29 5.20 -14.49
C PRO D 50 9.72 3.73 -14.60
N TRP D 51 8.79 2.80 -14.40
CA TRP D 51 9.14 1.38 -14.27
C TRP D 51 9.51 0.66 -15.57
N VAL D 52 9.39 1.34 -16.72
CA VAL D 52 9.90 0.78 -17.97
C VAL D 52 11.22 1.40 -18.34
N GLU D 53 11.50 2.58 -17.79
CA GLU D 53 12.73 3.30 -18.06
C GLU D 53 13.93 2.38 -17.77
N GLN D 54 13.78 1.53 -16.77
CA GLN D 54 14.82 0.58 -16.38
C GLN D 54 14.83 -0.64 -17.30
N GLU D 55 14.98 -0.41 -18.59
CA GLU D 55 15.00 -1.51 -19.56
C GLU D 55 16.18 -1.39 -20.51
N GLY D 56 16.75 -2.54 -20.88
CA GLY D 56 17.92 -2.58 -21.74
C GLY D 56 17.70 -1.90 -23.08
N PRO D 57 18.79 -1.45 -23.71
CA PRO D 57 18.73 -0.79 -25.02
C PRO D 57 18.20 -1.75 -26.07
N GLU D 58 18.41 -3.05 -25.84
CA GLU D 58 17.93 -4.09 -26.74
C GLU D 58 16.39 -4.10 -26.77
N TYR D 59 15.79 -3.71 -25.65
CA TYR D 59 14.33 -3.62 -25.57
C TYR D 59 13.81 -2.46 -26.42
N TRP D 60 14.37 -1.28 -26.19
CA TRP D 60 13.94 -0.09 -26.92
C TRP D 60 14.34 -0.17 -28.40
N ASP D 61 15.31 -1.03 -28.70
CA ASP D 61 15.72 -1.25 -30.08
C ASP D 61 14.64 -1.99 -30.86
N ARG D 62 14.07 -3.03 -30.24
CA ARG D 62 13.00 -3.80 -30.86
C ARG D 62 11.72 -2.98 -30.96
N GLU D 63 11.30 -2.40 -29.85
CA GLU D 63 10.09 -1.60 -29.82
C GLU D 63 10.11 -0.53 -30.90
N THR D 64 11.30 0.03 -31.15
CA THR D 64 11.45 1.06 -32.17
C THR D 64 11.33 0.49 -33.57
N ARG D 65 11.89 -0.70 -33.78
CA ARG D 65 11.79 -1.36 -35.08
C ARG D 65 10.33 -1.60 -35.45
N ASN D 66 9.53 -2.00 -34.47
CA ASN D 66 8.12 -2.22 -34.68
C ASN D 66 7.38 -0.95 -35.09
N MET D 67 7.60 0.12 -34.32
CA MET D 67 6.98 1.41 -34.61
C MET D 67 7.33 1.90 -36.01
N LYS D 68 8.61 1.82 -36.37
CA LYS D 68 9.05 2.24 -37.68
C LYS D 68 8.39 1.39 -38.77
N ALA D 69 8.28 0.09 -38.51
CA ALA D 69 7.65 -0.83 -39.44
C ALA D 69 6.17 -0.52 -39.60
N GLU D 70 5.51 -0.21 -38.49
CA GLU D 70 4.11 0.19 -38.50
C GLU D 70 3.96 1.47 -39.30
N THR D 71 4.93 2.37 -39.16
CA THR D 71 4.91 3.66 -39.84
C THR D 71 5.08 3.52 -41.35
N GLN D 72 5.89 2.55 -41.76
CA GLN D 72 6.11 2.30 -43.19
C GLN D 72 4.89 1.63 -43.82
N ASN D 73 4.21 0.79 -43.05
CA ASN D 73 3.01 0.11 -43.54
C ASN D 73 1.81 1.06 -43.63
N ALA D 74 1.77 2.02 -42.72
CA ALA D 74 0.63 2.94 -42.61
C ALA D 74 0.12 3.49 -43.95
N PRO D 75 1.02 4.07 -44.76
CA PRO D 75 0.58 4.66 -46.03
C PRO D 75 -0.09 3.64 -46.94
N VAL D 76 0.46 2.42 -46.99
CA VAL D 76 -0.09 1.36 -47.83
C VAL D 76 -1.46 0.93 -47.33
N ASN D 77 -1.56 0.72 -46.02
CA ASN D 77 -2.83 0.37 -45.39
C ASN D 77 -3.92 1.37 -45.75
N LEU D 78 -3.63 2.64 -45.55
CA LEU D 78 -4.57 3.72 -45.84
C LEU D 78 -4.94 3.74 -47.32
N ARG D 79 -3.98 3.37 -48.17
CA ARG D 79 -4.19 3.35 -49.60
C ARG D 79 -5.01 2.14 -50.00
N ASN D 80 -4.78 1.02 -49.31
CA ASN D 80 -5.53 -0.20 -49.55
C ASN D 80 -7.02 -0.03 -49.25
N LEU D 81 -7.34 0.36 -48.02
CA LEU D 81 -8.73 0.59 -47.63
C LEU D 81 -9.36 1.66 -48.50
N ARG D 82 -8.56 2.65 -48.87
CA ARG D 82 -9.02 3.72 -49.74
C ARG D 82 -9.57 3.13 -51.04
N GLY D 83 -8.98 2.03 -51.47
CA GLY D 83 -9.40 1.35 -52.68
C GLY D 83 -10.62 0.46 -52.47
N TYR D 84 -10.73 -0.14 -51.28
CA TYR D 84 -11.86 -1.01 -50.98
C TYR D 84 -13.15 -0.20 -50.99
N TYR D 85 -13.07 1.05 -50.55
CA TYR D 85 -14.25 1.89 -50.45
C TYR D 85 -14.37 2.88 -51.60
N ASN D 86 -13.53 2.70 -52.61
CA ASN D 86 -13.55 3.54 -53.80
C ASN D 86 -13.47 5.03 -53.47
N GLN D 87 -12.61 5.37 -52.53
CA GLN D 87 -12.41 6.74 -52.09
C GLN D 87 -11.21 7.38 -52.75
N SER D 88 -11.42 8.65 -53.12
CA SER D 88 -10.50 9.40 -53.94
C SER D 88 -9.25 9.69 -53.14
N GLU D 89 -8.17 9.92 -53.85
CA GLU D 89 -6.90 10.17 -53.21
C GLU D 89 -6.81 11.58 -52.66
N ALA D 90 -7.93 12.26 -52.41
CA ALA D 90 -7.75 13.58 -51.87
C ALA D 90 -8.36 13.79 -50.53
N GLY D 91 -8.55 12.73 -49.78
CA GLY D 91 -9.28 12.85 -48.53
C GLY D 91 -8.56 12.21 -47.35
N SER D 92 -8.91 12.65 -46.15
CA SER D 92 -8.26 12.17 -44.93
C SER D 92 -9.04 11.00 -44.33
N HIS D 93 -8.30 10.01 -43.83
CA HIS D 93 -8.91 8.83 -43.23
C HIS D 93 -8.08 8.29 -42.07
N THR D 94 -8.71 7.49 -41.22
CA THR D 94 -8.05 6.96 -40.04
C THR D 94 -8.24 5.47 -39.89
N ILE D 95 -7.15 4.78 -39.58
CA ILE D 95 -7.19 3.36 -39.22
C ILE D 95 -6.71 3.23 -37.79
N GLN D 96 -7.57 2.69 -36.93
CA GLN D 96 -7.21 2.49 -35.53
C GLN D 96 -7.04 1.00 -35.22
N ARG D 97 -6.10 0.69 -34.33
CA ARG D 97 -5.86 -0.69 -33.95
C ARG D 97 -5.66 -0.82 -32.44
N MET D 98 -6.46 -1.67 -31.82
CA MET D 98 -6.31 -1.95 -30.40
C MET D 98 -6.12 -3.43 -30.18
N TYR D 99 -5.07 -3.79 -29.46
CA TYR D 99 -4.81 -5.18 -29.12
C TYR D 99 -4.20 -5.24 -27.73
N GLY D 100 -4.26 -6.42 -27.11
CA GLY D 100 -3.71 -6.60 -25.78
C GLY D 100 -4.27 -7.81 -25.08
N CYS D 101 -3.82 -8.01 -23.84
CA CYS D 101 -4.19 -9.20 -23.08
C CYS D 101 -4.77 -8.84 -21.71
N ASP D 102 -5.73 -9.63 -21.26
CA ASP D 102 -6.27 -9.51 -19.91
C ASP D 102 -5.74 -10.65 -19.06
N LEU D 103 -5.12 -10.30 -17.93
CA LEU D 103 -4.55 -11.29 -17.03
C LEU D 103 -5.53 -11.61 -15.91
N GLY D 104 -5.90 -12.89 -15.80
CA GLY D 104 -6.85 -13.32 -14.79
C GLY D 104 -6.21 -13.52 -13.42
N PRO D 105 -7.05 -13.61 -12.37
CA PRO D 105 -6.59 -13.81 -10.99
C PRO D 105 -5.83 -15.13 -10.84
N ASP D 106 -5.95 -16.00 -11.84
CA ASP D 106 -5.27 -17.30 -11.82
C ASP D 106 -3.91 -17.24 -12.51
N GLY D 107 -3.59 -16.08 -13.07
CA GLY D 107 -2.31 -15.89 -13.73
C GLY D 107 -2.29 -16.39 -15.17
N ARG D 108 -3.47 -16.68 -15.71
CA ARG D 108 -3.57 -17.16 -17.09
C ARG D 108 -4.35 -16.15 -17.93
N LEU D 109 -4.28 -16.31 -19.25
CA LEU D 109 -4.95 -15.39 -20.17
C LEU D 109 -6.46 -15.38 -20.00
N LEU D 110 -7.00 -14.26 -19.54
CA LEU D 110 -8.44 -14.13 -19.32
C LEU D 110 -9.17 -13.77 -20.61
N ARG D 111 -8.59 -12.84 -21.37
CA ARG D 111 -9.14 -12.46 -22.67
C ARG D 111 -8.10 -11.76 -23.54
N GLY D 112 -8.16 -12.01 -24.84
CA GLY D 112 -7.24 -11.40 -25.78
C GLY D 112 -7.95 -10.46 -26.74
N TYR D 113 -7.21 -9.53 -27.32
CA TYR D 113 -7.80 -8.54 -28.21
C TYR D 113 -6.96 -8.24 -29.45
N HIS D 114 -7.64 -7.99 -30.55
CA HIS D 114 -7.01 -7.44 -31.76
C HIS D 114 -8.13 -6.97 -32.69
N GLN D 115 -8.45 -5.69 -32.61
CA GLN D 115 -9.54 -5.14 -33.40
C GLN D 115 -9.18 -3.81 -34.03
N SER D 116 -9.66 -3.59 -35.26
CA SER D 116 -9.36 -2.38 -35.99
C SER D 116 -10.63 -1.64 -36.39
N ALA D 117 -10.50 -0.35 -36.63
CA ALA D 117 -11.61 0.48 -37.07
C ALA D 117 -11.20 1.32 -38.26
N TYR D 118 -12.16 1.69 -39.09
CA TYR D 118 -11.91 2.61 -40.19
C TYR D 118 -12.84 3.81 -40.10
N ASP D 119 -12.25 4.96 -39.78
CA ASP D 119 -13.01 6.19 -39.63
C ASP D 119 -13.99 6.11 -38.46
N GLY D 120 -13.58 5.43 -37.40
CA GLY D 120 -14.35 5.38 -36.18
C GLY D 120 -15.39 4.29 -36.11
N LYS D 121 -15.45 3.47 -37.16
CA LYS D 121 -16.39 2.35 -37.19
C LYS D 121 -15.66 1.02 -37.16
N ASP D 122 -16.21 0.05 -36.45
CA ASP D 122 -15.65 -1.29 -36.40
C ASP D 122 -15.32 -1.76 -37.82
N TYR D 123 -14.10 -2.24 -38.01
CA TYR D 123 -13.66 -2.70 -39.32
C TYR D 123 -13.49 -4.21 -39.34
N ILE D 124 -12.49 -4.70 -38.60
CA ILE D 124 -12.26 -6.13 -38.48
C ILE D 124 -11.80 -6.42 -37.06
N ALA D 125 -12.11 -7.62 -36.56
CA ALA D 125 -11.77 -7.97 -35.19
C ALA D 125 -11.57 -9.47 -34.98
N LEU D 126 -10.51 -9.81 -34.24
CA LEU D 126 -10.28 -11.19 -33.86
C LEU D 126 -11.34 -11.58 -32.84
N ASN D 127 -11.92 -12.77 -33.02
CA ASN D 127 -12.95 -13.24 -32.10
C ASN D 127 -12.33 -13.69 -30.77
N GLU D 128 -13.18 -13.92 -29.78
CA GLU D 128 -12.70 -14.30 -28.45
C GLU D 128 -12.00 -15.65 -28.47
N ASP D 129 -12.23 -16.44 -29.52
CA ASP D 129 -11.59 -17.74 -29.63
C ASP D 129 -10.17 -17.61 -30.18
N LEU D 130 -9.80 -16.39 -30.56
CA LEU D 130 -8.47 -16.10 -31.09
C LEU D 130 -8.12 -16.96 -32.31
N ARG D 131 -9.14 -17.47 -32.99
CA ARG D 131 -8.93 -18.37 -34.12
C ARG D 131 -9.67 -17.92 -35.37
N SER D 132 -10.54 -16.93 -35.24
CA SER D 132 -11.33 -16.46 -36.37
C SER D 132 -11.54 -14.95 -36.34
N TRP D 133 -11.94 -14.39 -37.47
CA TRP D 133 -12.15 -12.96 -37.59
C TRP D 133 -13.61 -12.59 -37.83
N THR D 134 -13.97 -11.37 -37.47
CA THR D 134 -15.29 -10.83 -37.79
C THR D 134 -15.14 -9.54 -38.59
N ALA D 135 -15.50 -9.60 -39.86
CA ALA D 135 -15.39 -8.45 -40.76
C ALA D 135 -16.68 -7.66 -40.79
N ALA D 136 -16.56 -6.34 -40.75
CA ALA D 136 -17.73 -5.46 -40.74
C ALA D 136 -18.47 -5.48 -42.07
N ASP D 137 -17.73 -5.65 -43.17
CA ASP D 137 -18.33 -5.66 -44.49
C ASP D 137 -17.45 -6.35 -45.52
N MET D 138 -17.92 -6.39 -46.77
CA MET D 138 -17.17 -7.04 -47.85
C MET D 138 -15.82 -6.37 -48.08
N ALA D 139 -15.71 -5.11 -47.67
CA ALA D 139 -14.44 -4.39 -47.75
C ALA D 139 -13.44 -5.02 -46.78
N ALA D 140 -13.85 -5.12 -45.52
CA ALA D 140 -13.01 -5.70 -44.48
C ALA D 140 -12.65 -7.15 -44.82
N GLN D 141 -13.51 -7.83 -45.56
CA GLN D 141 -13.23 -9.21 -45.95
C GLN D 141 -12.04 -9.32 -46.90
N ASN D 142 -11.75 -8.24 -47.62
CA ASN D 142 -10.53 -8.17 -48.40
C ASN D 142 -9.34 -8.33 -47.48
N THR D 143 -9.40 -7.66 -46.34
CA THR D 143 -8.38 -7.78 -45.32
C THR D 143 -8.41 -9.16 -44.68
N GLN D 144 -9.60 -9.62 -44.33
CA GLN D 144 -9.76 -10.93 -43.72
C GLN D 144 -9.17 -12.02 -44.60
N ARG D 145 -9.34 -11.88 -45.91
CA ARG D 145 -8.79 -12.85 -46.85
C ARG D 145 -7.27 -12.82 -46.86
N LYS D 146 -6.70 -11.63 -46.63
CA LYS D 146 -5.26 -11.47 -46.52
C LYS D 146 -4.73 -12.10 -45.23
N TRP D 147 -5.35 -11.76 -44.11
CA TRP D 147 -4.88 -12.23 -42.80
C TRP D 147 -5.07 -13.73 -42.60
N GLU D 148 -6.04 -14.32 -43.29
CA GLU D 148 -6.26 -15.74 -43.21
C GLU D 148 -5.20 -16.52 -43.99
N ALA D 149 -4.82 -16.00 -45.15
CA ALA D 149 -3.81 -16.63 -45.99
C ALA D 149 -2.46 -16.67 -45.29
N ALA D 150 -2.19 -15.63 -44.50
CA ALA D 150 -0.91 -15.52 -43.79
C ALA D 150 -0.99 -16.15 -42.40
N GLY D 151 -2.11 -16.81 -42.11
CA GLY D 151 -2.32 -17.43 -40.82
C GLY D 151 -2.02 -16.47 -39.69
N GLU D 152 -2.64 -15.29 -39.74
CA GLU D 152 -2.40 -14.23 -38.76
C GLU D 152 -3.19 -14.45 -37.48
N ALA D 153 -4.31 -15.17 -37.58
CA ALA D 153 -5.13 -15.49 -36.41
C ALA D 153 -4.25 -16.12 -35.34
N GLU D 154 -3.81 -17.35 -35.59
CA GLU D 154 -2.74 -17.93 -34.81
C GLU D 154 -1.52 -17.10 -35.21
N GLN D 155 -0.56 -16.96 -34.31
CA GLN D 155 0.55 -16.02 -34.47
C GLN D 155 0.21 -14.62 -33.97
N HIS D 156 -0.91 -14.51 -33.26
CA HIS D 156 -1.27 -13.26 -32.62
C HIS D 156 -1.80 -13.91 -31.35
N ARG D 157 -2.40 -15.09 -31.50
CA ARG D 157 -2.80 -15.87 -30.34
C ARG D 157 -1.56 -16.27 -29.57
N THR D 158 -0.52 -16.64 -30.31
CA THR D 158 0.76 -17.01 -29.72
C THR D 158 1.33 -15.84 -28.92
N TYR D 159 1.24 -14.63 -29.48
CA TYR D 159 1.65 -13.43 -28.79
C TYR D 159 0.79 -13.18 -27.55
N LEU D 160 -0.53 -13.18 -27.75
CA LEU D 160 -1.46 -12.91 -26.66
C LEU D 160 -1.31 -13.88 -25.49
N GLU D 161 -1.01 -15.14 -25.80
CA GLU D 161 -0.92 -16.18 -24.77
C GLU D 161 0.48 -16.29 -24.14
N GLY D 162 1.45 -15.68 -24.78
CA GLY D 162 2.79 -15.81 -24.30
C GLY D 162 3.38 -14.50 -23.93
N GLU D 163 3.92 -13.81 -24.89
CA GLU D 163 4.57 -12.58 -24.57
C GLU D 163 3.71 -11.47 -24.02
N CYS D 164 2.51 -11.22 -24.52
CA CYS D 164 1.74 -10.14 -23.94
C CYS D 164 1.70 -10.41 -22.47
N LEU D 165 1.57 -11.67 -22.12
CA LEU D 165 1.32 -12.05 -20.75
C LEU D 165 2.56 -12.08 -19.89
N GLU D 166 3.67 -12.47 -20.46
CA GLU D 166 4.89 -12.54 -19.72
C GLU D 166 5.36 -11.16 -19.43
N TRP D 167 5.18 -10.26 -20.38
CA TRP D 167 5.64 -8.90 -20.19
C TRP D 167 4.71 -8.08 -19.30
N LEU D 168 3.41 -8.41 -19.33
CA LEU D 168 2.47 -7.77 -18.44
C LEU D 168 2.86 -8.06 -16.99
N ARG D 169 3.09 -9.34 -16.70
CA ARG D 169 3.52 -9.75 -15.37
C ARG D 169 4.82 -9.05 -14.99
N ARG D 170 5.71 -8.90 -15.96
CA ARG D 170 6.98 -8.21 -15.73
C ARG D 170 6.76 -6.75 -15.34
N TYR D 171 5.98 -6.03 -16.15
CA TYR D 171 5.67 -4.64 -15.86
C TYR D 171 5.01 -4.51 -14.49
N LEU D 172 4.09 -5.42 -14.20
CA LEU D 172 3.34 -5.39 -12.95
C LEU D 172 4.24 -5.58 -11.74
N GLU D 173 5.30 -6.36 -11.90
CA GLU D 173 6.22 -6.63 -10.80
C GLU D 173 7.14 -5.44 -10.56
N ASN D 174 7.68 -4.89 -11.64
CA ASN D 174 8.60 -3.76 -11.54
C ASN D 174 7.94 -2.47 -11.10
N GLY D 175 6.65 -2.34 -11.41
CA GLY D 175 5.89 -1.16 -11.00
C GLY D 175 4.94 -1.48 -9.88
N LYS D 176 5.16 -2.64 -9.25
CA LYS D 176 4.32 -3.14 -8.17
C LYS D 176 3.87 -2.06 -7.18
N GLU D 177 4.84 -1.27 -6.69
CA GLU D 177 4.57 -0.30 -5.63
C GLU D 177 3.55 0.77 -6.02
N THR D 178 3.31 0.95 -7.31
CA THR D 178 2.30 1.89 -7.78
C THR D 178 1.18 1.21 -8.55
N LEU D 179 1.55 0.38 -9.52
CA LEU D 179 0.58 -0.33 -10.35
C LEU D 179 -0.41 -1.15 -9.53
N GLN D 180 0.09 -1.78 -8.46
CA GLN D 180 -0.74 -2.65 -7.65
C GLN D 180 -1.17 -1.99 -6.36
N ARG D 181 -1.02 -0.67 -6.30
CA ARG D 181 -1.51 0.11 -5.18
C ARG D 181 -2.75 0.88 -5.58
N ALA D 182 -3.77 0.86 -4.72
CA ALA D 182 -5.00 1.58 -4.99
C ALA D 182 -5.11 2.81 -4.11
N ASP D 183 -5.08 3.98 -4.74
CA ASP D 183 -5.25 5.24 -4.01
C ASP D 183 -6.72 5.53 -3.84
N PRO D 184 -7.20 5.58 -2.60
CA PRO D 184 -8.61 5.86 -2.32
C PRO D 184 -8.95 7.32 -2.60
N PRO D 185 -10.18 7.58 -3.06
CA PRO D 185 -10.63 8.93 -3.42
C PRO D 185 -10.80 9.84 -2.21
N LYS D 186 -10.39 11.10 -2.36
CA LYS D 186 -10.71 12.14 -1.39
C LYS D 186 -12.08 12.70 -1.78
N THR D 187 -13.00 12.76 -0.81
CA THR D 187 -14.38 13.11 -1.12
C THR D 187 -14.91 14.33 -0.35
N HIS D 188 -15.82 15.06 -0.98
CA HIS D 188 -16.51 16.17 -0.34
C HIS D 188 -17.78 16.51 -1.13
N VAL D 189 -18.60 17.40 -0.59
CA VAL D 189 -19.86 17.77 -1.23
C VAL D 189 -20.04 19.28 -1.34
N THR D 190 -20.53 19.74 -2.49
CA THR D 190 -20.80 21.16 -2.71
C THR D 190 -22.28 21.39 -2.99
N HIS D 191 -22.74 22.61 -2.73
CA HIS D 191 -24.14 22.96 -2.88
C HIS D 191 -24.34 24.28 -3.61
N HIS D 192 -25.11 24.24 -4.70
CA HIS D 192 -25.42 25.43 -5.48
C HIS D 192 -26.92 25.53 -5.74
N PRO D 193 -27.52 26.70 -5.46
CA PRO D 193 -28.94 26.93 -5.73
C PRO D 193 -29.24 26.99 -7.22
N VAL D 194 -30.32 26.35 -7.64
CA VAL D 194 -30.78 26.41 -9.02
C VAL D 194 -31.97 27.37 -9.13
N SER D 195 -32.89 27.24 -8.18
CA SER D 195 -34.05 28.12 -8.09
C SER D 195 -34.52 28.20 -6.64
N ASP D 196 -35.79 28.51 -6.44
CA ASP D 196 -36.35 28.59 -5.10
C ASP D 196 -36.93 27.24 -4.65
N GLN D 197 -37.42 26.47 -5.61
CA GLN D 197 -37.95 25.14 -5.31
C GLN D 197 -36.87 24.06 -5.39
N GLU D 198 -35.73 24.39 -6.01
CA GLU D 198 -34.70 23.39 -6.26
C GLU D 198 -33.29 23.89 -5.97
N ALA D 199 -32.36 22.93 -5.83
CA ALA D 199 -30.95 23.21 -5.60
C ALA D 199 -30.11 22.04 -6.10
N THR D 200 -28.80 22.26 -6.25
CA THR D 200 -27.91 21.24 -6.78
C THR D 200 -26.91 20.74 -5.74
N LEU D 201 -26.87 19.42 -5.56
CA LEU D 201 -25.88 18.78 -4.70
C LEU D 201 -24.88 18.00 -5.53
N ARG D 202 -23.61 18.33 -5.39
CA ARG D 202 -22.56 17.66 -6.15
C ARG D 202 -21.61 16.87 -5.25
N CYS D 203 -21.43 15.59 -5.57
CA CYS D 203 -20.54 14.72 -4.81
C CYS D 203 -19.21 14.57 -5.53
N TRP D 204 -18.12 14.89 -4.84
CA TRP D 204 -16.80 14.87 -5.45
C TRP D 204 -15.96 13.65 -5.09
N ALA D 205 -15.17 13.20 -6.06
CA ALA D 205 -14.20 12.13 -5.84
C ALA D 205 -12.90 12.52 -6.55
N LEU D 206 -11.83 12.68 -5.78
CA LEU D 206 -10.59 13.21 -6.33
C LEU D 206 -9.35 12.35 -6.04
N GLY D 207 -8.38 12.42 -6.95
CA GLY D 207 -7.08 11.80 -6.75
C GLY D 207 -7.07 10.30 -6.51
N PHE D 208 -7.95 9.57 -7.18
CA PHE D 208 -8.03 8.13 -6.98
C PHE D 208 -7.43 7.32 -8.13
N TYR D 209 -7.13 6.06 -7.84
CA TYR D 209 -6.63 5.11 -8.81
C TYR D 209 -6.93 3.70 -8.30
N PRO D 210 -7.37 2.79 -9.18
CA PRO D 210 -7.57 3.04 -10.62
C PRO D 210 -8.82 3.85 -10.93
N ALA D 211 -9.08 4.09 -12.21
CA ALA D 211 -10.18 4.94 -12.64
C ALA D 211 -11.55 4.39 -12.27
N GLU D 212 -11.69 3.07 -12.29
CA GLU D 212 -12.95 2.43 -11.95
C GLU D 212 -13.49 2.94 -10.62
N ILE D 213 -14.71 3.49 -10.66
CA ILE D 213 -15.35 4.01 -9.46
C ILE D 213 -16.85 4.02 -9.66
N THR D 214 -17.59 4.19 -8.56
CA THR D 214 -19.05 4.25 -8.63
C THR D 214 -19.61 5.34 -7.73
N LEU D 215 -20.27 6.32 -8.32
CA LEU D 215 -20.90 7.40 -7.57
C LEU D 215 -22.41 7.36 -7.74
N THR D 216 -23.12 7.29 -6.62
CA THR D 216 -24.58 7.27 -6.64
C THR D 216 -25.16 8.11 -5.52
N TRP D 217 -26.19 8.89 -5.86
CA TRP D 217 -26.94 9.64 -4.86
C TRP D 217 -28.14 8.84 -4.39
N GLN D 218 -28.41 8.88 -3.09
CA GLN D 218 -29.52 8.11 -2.52
C GLN D 218 -30.47 8.95 -1.70
N ARG D 219 -31.74 8.57 -1.74
CA ARG D 219 -32.78 9.18 -0.91
C ARG D 219 -33.73 8.09 -0.46
N ASP D 220 -34.01 8.05 0.84
CA ASP D 220 -34.87 7.01 1.39
C ASP D 220 -34.37 5.63 0.99
N GLY D 221 -33.05 5.49 0.90
CA GLY D 221 -32.42 4.23 0.56
C GLY D 221 -32.62 3.83 -0.89
N GLU D 222 -32.86 4.82 -1.76
CA GLU D 222 -33.09 4.56 -3.17
C GLU D 222 -32.23 5.44 -4.07
N ASP D 223 -31.80 4.88 -5.19
CA ASP D 223 -30.95 5.61 -6.13
C ASP D 223 -31.74 6.58 -7.00
N GLN D 224 -31.16 7.75 -7.25
CA GLN D 224 -31.77 8.74 -8.12
C GLN D 224 -31.19 8.63 -9.52
N THR D 225 -31.40 7.48 -10.15
CA THR D 225 -30.76 7.14 -11.43
C THR D 225 -30.90 8.24 -12.49
N GLN D 226 -32.11 8.49 -12.96
CA GLN D 226 -32.31 9.47 -14.03
C GLN D 226 -32.37 10.90 -13.50
N ASP D 227 -31.86 11.12 -12.29
CA ASP D 227 -31.77 12.46 -11.74
C ASP D 227 -30.31 12.78 -11.41
N THR D 228 -29.47 11.76 -11.51
CA THR D 228 -28.04 11.91 -11.23
C THR D 228 -27.26 12.20 -12.51
N GLU D 229 -26.54 13.32 -12.50
CA GLU D 229 -25.70 13.71 -13.64
C GLU D 229 -24.26 13.26 -13.40
N LEU D 230 -23.87 12.15 -14.03
CA LEU D 230 -22.53 11.61 -13.89
C LEU D 230 -21.60 12.06 -15.01
N VAL D 231 -20.58 12.84 -14.65
CA VAL D 231 -19.59 13.27 -15.64
C VAL D 231 -18.57 12.18 -15.91
N GLU D 232 -18.17 12.07 -17.16
CA GLU D 232 -17.13 11.12 -17.54
C GLU D 232 -15.94 11.25 -16.61
N THR D 233 -15.40 10.12 -16.16
CA THR D 233 -14.22 10.12 -15.31
C THR D 233 -13.04 10.75 -16.04
N ARG D 234 -12.38 11.70 -15.38
CA ARG D 234 -11.34 12.49 -16.03
C ARG D 234 -9.99 12.34 -15.34
N PRO D 235 -8.90 12.59 -16.07
CA PRO D 235 -7.54 12.50 -15.53
C PRO D 235 -7.15 13.75 -14.76
N ALA D 236 -6.61 13.57 -13.55
CA ALA D 236 -6.19 14.69 -12.72
C ALA D 236 -4.96 15.37 -13.32
N GLY D 237 -4.13 14.60 -14.00
CA GLY D 237 -2.91 15.11 -14.60
C GLY D 237 -1.68 14.61 -13.87
N ASP D 238 -1.90 14.02 -12.70
CA ASP D 238 -0.81 13.49 -11.87
C ASP D 238 -0.84 11.97 -11.82
N GLY D 239 -1.60 11.37 -12.73
CA GLY D 239 -1.71 9.92 -12.81
C GLY D 239 -2.99 9.38 -12.20
N THR D 240 -3.64 10.17 -11.36
CA THR D 240 -4.89 9.76 -10.73
C THR D 240 -6.08 10.30 -11.52
N PHE D 241 -7.29 10.14 -10.97
CA PHE D 241 -8.49 10.52 -11.68
C PHE D 241 -9.47 11.32 -10.81
N GLN D 242 -10.42 11.97 -11.48
CA GLN D 242 -11.46 12.75 -10.80
C GLN D 242 -12.82 12.44 -11.39
N LYS D 243 -13.86 12.64 -10.58
CA LYS D 243 -15.23 12.42 -11.04
C LYS D 243 -16.21 12.99 -10.02
N TRP D 244 -17.36 13.45 -10.49
CA TRP D 244 -18.42 13.89 -9.60
C TRP D 244 -19.80 13.47 -10.08
N ALA D 245 -20.77 13.53 -9.17
CA ALA D 245 -22.15 13.19 -9.48
C ALA D 245 -23.07 14.22 -8.86
N ALA D 246 -23.94 14.80 -9.69
CA ALA D 246 -24.84 15.86 -9.22
C ALA D 246 -26.30 15.45 -9.32
N VAL D 247 -27.11 15.95 -8.40
CA VAL D 247 -28.55 15.70 -8.43
C VAL D 247 -29.30 16.95 -7.99
N VAL D 248 -30.38 17.28 -8.70
CA VAL D 248 -31.20 18.43 -8.37
C VAL D 248 -32.29 18.07 -7.37
N VAL D 249 -32.29 18.75 -6.22
CA VAL D 249 -33.19 18.40 -5.13
C VAL D 249 -33.91 19.63 -4.56
N PRO D 250 -35.10 19.39 -3.97
CA PRO D 250 -35.88 20.45 -3.33
C PRO D 250 -35.10 21.11 -2.19
N SER D 251 -35.19 22.44 -2.09
CA SER D 251 -34.52 23.17 -1.02
C SER D 251 -35.09 22.78 0.34
N GLY D 252 -34.25 22.84 1.37
CA GLY D 252 -34.68 22.51 2.72
C GLY D 252 -34.85 21.02 2.95
N LYS D 253 -34.56 20.22 1.93
CA LYS D 253 -34.61 18.77 2.05
C LYS D 253 -33.31 18.14 1.57
N GLU D 254 -32.20 18.85 1.76
CA GLU D 254 -30.89 18.39 1.31
C GLU D 254 -30.50 17.12 2.05
N GLN D 255 -30.83 17.06 3.33
CA GLN D 255 -30.36 15.99 4.21
C GLN D 255 -30.99 14.61 3.98
N ARG D 256 -32.00 14.55 3.12
CA ARG D 256 -32.59 13.25 2.79
C ARG D 256 -31.80 12.57 1.67
N TYR D 257 -30.72 13.22 1.24
CA TYR D 257 -29.88 12.71 0.17
C TYR D 257 -28.47 12.41 0.65
N THR D 258 -28.00 11.19 0.37
CA THR D 258 -26.63 10.80 0.72
C THR D 258 -25.89 10.29 -0.50
N CYS D 259 -24.64 10.70 -0.65
CA CYS D 259 -23.81 10.21 -1.75
C CYS D 259 -23.03 8.96 -1.33
N HIS D 260 -23.00 7.98 -2.22
CA HIS D 260 -22.32 6.71 -1.94
C HIS D 260 -21.13 6.48 -2.87
N VAL D 261 -19.93 6.65 -2.34
CA VAL D 261 -18.71 6.47 -3.10
C VAL D 261 -18.13 5.06 -2.96
N GLN D 262 -17.95 4.38 -4.09
CA GLN D 262 -17.42 3.03 -4.09
C GLN D 262 -16.12 2.94 -4.88
N HIS D 263 -15.05 2.52 -4.23
CA HIS D 263 -13.74 2.39 -4.86
C HIS D 263 -12.96 1.27 -4.20
N GLU D 264 -12.12 0.58 -4.98
CA GLU D 264 -11.44 -0.60 -4.46
C GLU D 264 -10.33 -0.23 -3.47
N GLY D 265 -10.09 1.06 -3.30
CA GLY D 265 -9.11 1.54 -2.34
C GLY D 265 -9.73 1.78 -0.97
N LEU D 266 -11.05 1.61 -0.89
CA LEU D 266 -11.77 1.81 0.35
C LEU D 266 -12.19 0.46 0.94
N ARG D 267 -12.12 0.34 2.25
CA ARG D 267 -12.54 -0.89 2.92
C ARG D 267 -14.07 -1.00 2.92
N GLU D 268 -14.73 0.13 3.16
CA GLU D 268 -16.19 0.18 3.10
C GLU D 268 -16.61 1.39 2.28
N PRO D 269 -17.67 1.23 1.47
CA PRO D 269 -18.18 2.32 0.65
C PRO D 269 -18.32 3.61 1.45
N LEU D 270 -17.88 4.71 0.88
CA LEU D 270 -17.89 5.99 1.57
C LEU D 270 -19.29 6.60 1.54
N THR D 271 -19.72 7.17 2.66
CA THR D 271 -21.04 7.80 2.75
C THR D 271 -20.93 9.22 3.30
N LEU D 272 -21.51 10.17 2.58
CA LEU D 272 -21.43 11.57 2.98
C LEU D 272 -22.63 12.40 2.55
N ARG D 273 -22.82 13.52 3.24
CA ARG D 273 -23.87 14.48 2.89
C ARG D 273 -23.30 15.89 2.87
N TRP D 274 -24.13 16.85 2.48
CA TRP D 274 -23.70 18.25 2.42
C TRP D 274 -23.56 18.85 3.81
N GLU D 275 -22.37 19.38 4.09
CA GLU D 275 -22.10 19.98 5.39
C GLU D 275 -21.97 21.50 5.27
N PRO D 276 -23.08 22.22 5.50
CA PRO D 276 -23.12 23.69 5.40
C PRO D 276 -22.04 24.35 6.25
N MET E 1 -19.03 8.77 -44.39
CA MET E 1 -18.18 9.09 -43.26
C MET E 1 -18.94 9.87 -42.19
N ILE E 2 -18.58 9.64 -40.95
CA ILE E 2 -19.32 10.20 -39.82
C ILE E 2 -18.39 10.72 -38.73
N GLN E 3 -18.56 11.98 -38.36
CA GLN E 3 -17.64 12.66 -37.46
C GLN E 3 -18.27 13.01 -36.12
N ARG E 4 -17.53 12.76 -35.04
CA ARG E 4 -18.06 12.85 -33.67
C ARG E 4 -17.65 14.14 -32.97
N THR E 5 -18.55 14.66 -32.13
CA THR E 5 -18.35 15.94 -31.47
C THR E 5 -17.46 15.81 -30.23
N PRO E 6 -16.80 16.91 -29.83
CA PRO E 6 -15.88 16.90 -28.68
C PRO E 6 -16.57 17.25 -27.36
N LYS E 7 -16.32 16.45 -26.33
CA LYS E 7 -16.78 16.75 -24.98
C LYS E 7 -15.69 17.51 -24.25
N ILE E 8 -16.05 18.55 -23.51
CA ILE E 8 -15.06 19.41 -22.86
C ILE E 8 -15.27 19.53 -21.35
N GLN E 9 -14.18 19.43 -20.60
CA GLN E 9 -14.19 19.68 -19.17
C GLN E 9 -13.02 20.57 -18.78
N VAL E 10 -13.30 21.63 -18.04
CA VAL E 10 -12.26 22.54 -17.56
C VAL E 10 -12.16 22.46 -16.05
N TYR E 11 -10.96 22.16 -15.56
CA TYR E 11 -10.76 21.98 -14.13
C TYR E 11 -9.28 22.07 -13.76
N SER E 12 -8.99 21.94 -12.47
CA SER E 12 -7.62 22.03 -11.98
C SER E 12 -7.12 20.69 -11.45
N ARG E 13 -5.83 20.43 -11.63
CA ARG E 13 -5.22 19.20 -11.14
C ARG E 13 -5.50 19.02 -9.65
N HIS E 14 -5.22 20.05 -8.88
CA HIS E 14 -5.48 20.05 -7.44
C HIS E 14 -6.60 21.03 -7.11
N PRO E 15 -7.20 20.90 -5.91
CA PRO E 15 -8.21 21.87 -5.47
C PRO E 15 -7.68 23.29 -5.58
N PRO E 16 -8.47 24.20 -6.17
CA PRO E 16 -8.04 25.57 -6.39
C PRO E 16 -7.87 26.34 -5.08
N GLU E 17 -6.78 27.10 -4.97
CA GLU E 17 -6.52 27.90 -3.79
C GLU E 17 -5.85 29.21 -4.19
N ASN E 18 -6.46 30.32 -3.79
CA ASN E 18 -5.98 31.65 -4.15
C ASN E 18 -4.51 31.86 -3.83
N GLY E 19 -3.70 32.06 -4.87
CA GLY E 19 -2.28 32.35 -4.69
C GLY E 19 -1.40 31.11 -4.69
N LYS E 20 -2.01 29.94 -4.72
CA LYS E 20 -1.26 28.70 -4.71
C LYS E 20 -1.13 28.10 -6.11
N PRO E 21 0.11 27.83 -6.54
CA PRO E 21 0.38 27.23 -7.85
C PRO E 21 -0.41 25.94 -8.08
N ASN E 22 -0.77 25.70 -9.33
CA ASN E 22 -1.64 24.58 -9.69
C ASN E 22 -1.51 24.30 -11.18
N PHE E 23 -2.31 23.37 -11.68
CA PHE E 23 -2.36 23.09 -13.11
C PHE E 23 -3.78 23.25 -13.65
N LEU E 24 -3.91 24.01 -14.73
CA LEU E 24 -5.20 24.17 -15.40
C LEU E 24 -5.36 23.09 -16.45
N ASN E 25 -6.41 22.29 -16.33
CA ASN E 25 -6.64 21.18 -17.24
C ASN E 25 -7.83 21.40 -18.17
N CYS E 26 -7.67 20.94 -19.41
CA CYS E 26 -8.79 20.91 -20.35
C CYS E 26 -8.88 19.53 -21.00
N TYR E 27 -9.87 18.77 -20.57
CA TYR E 27 -10.04 17.41 -21.04
C TYR E 27 -11.07 17.31 -22.17
N VAL E 28 -10.60 16.98 -23.37
CA VAL E 28 -11.48 16.80 -24.52
C VAL E 28 -11.58 15.31 -24.88
N SER E 29 -12.79 14.85 -25.19
CA SER E 29 -13.00 13.43 -25.46
C SER E 29 -14.26 13.16 -26.28
N GLY E 30 -14.36 11.94 -26.81
CA GLY E 30 -15.54 11.51 -27.53
C GLY E 30 -15.64 12.05 -28.94
N PHE E 31 -14.52 12.53 -29.47
CA PHE E 31 -14.52 13.17 -30.79
C PHE E 31 -13.82 12.34 -31.85
N HIS E 32 -14.13 12.65 -33.12
CA HIS E 32 -13.53 11.99 -34.26
C HIS E 32 -13.70 12.91 -35.47
N PRO E 33 -12.64 13.11 -36.26
CA PRO E 33 -11.30 12.52 -36.14
C PRO E 33 -10.46 13.17 -35.04
N SER E 34 -9.17 12.84 -35.02
CA SER E 34 -8.30 13.25 -33.92
C SER E 34 -7.83 14.70 -33.98
N ASP E 35 -7.77 15.28 -35.18
CA ASP E 35 -7.39 16.68 -35.30
C ASP E 35 -8.29 17.57 -34.45
N ILE E 36 -7.70 18.40 -33.62
CA ILE E 36 -8.46 19.28 -32.75
C ILE E 36 -7.64 20.47 -32.25
N GLU E 37 -8.31 21.61 -32.09
CA GLU E 37 -7.66 22.81 -31.56
C GLU E 37 -8.08 23.06 -30.12
N VAL E 38 -7.14 22.98 -29.19
CA VAL E 38 -7.42 23.25 -27.80
C VAL E 38 -6.47 24.32 -27.25
N ASP E 39 -7.05 25.36 -26.66
CA ASP E 39 -6.26 26.44 -26.09
C ASP E 39 -6.77 26.82 -24.70
N LEU E 40 -5.84 27.06 -23.79
CA LEU E 40 -6.17 27.55 -22.47
C LEU E 40 -6.15 29.07 -22.47
N LEU E 41 -7.16 29.69 -21.86
CA LEU E 41 -7.30 31.14 -21.90
C LEU E 41 -7.25 31.79 -20.53
N LYS E 42 -6.35 32.76 -20.38
CA LYS E 42 -6.30 33.59 -19.18
C LYS E 42 -6.78 34.99 -19.54
N ASN E 43 -7.97 35.33 -19.06
CA ASN E 43 -8.57 36.62 -19.39
C ASN E 43 -8.71 36.80 -20.89
N GLY E 44 -9.32 35.82 -21.55
CA GLY E 44 -9.54 35.85 -22.98
C GLY E 44 -8.26 35.73 -23.79
N GLU E 45 -7.14 35.63 -23.09
CA GLU E 45 -5.84 35.67 -23.75
C GLU E 45 -5.27 34.28 -23.93
N LYS E 46 -4.83 33.97 -25.14
CA LYS E 46 -4.16 32.71 -25.41
C LYS E 46 -2.99 32.49 -24.44
N MET E 47 -2.94 31.31 -23.83
CA MET E 47 -2.03 31.06 -22.72
C MET E 47 -0.65 30.57 -23.16
N GLY E 48 0.34 30.70 -22.28
CA GLY E 48 1.74 30.50 -22.61
C GLY E 48 2.36 29.19 -23.06
N LYS E 49 2.39 28.21 -22.16
CA LYS E 49 3.15 26.97 -22.40
C LYS E 49 2.19 25.81 -22.14
N VAL E 50 1.34 25.52 -23.12
CA VAL E 50 0.34 24.48 -22.97
C VAL E 50 0.77 23.16 -23.62
N GLU E 51 0.85 22.11 -22.80
CA GLU E 51 1.19 20.78 -23.30
C GLU E 51 -0.05 19.89 -23.31
N HIS E 52 0.06 18.74 -23.98
CA HIS E 52 -1.05 17.80 -24.02
C HIS E 52 -0.56 16.35 -23.99
N SER E 53 -1.43 15.46 -23.53
CA SER E 53 -1.10 14.04 -23.44
C SER E 53 -0.95 13.44 -24.84
N ASP E 54 -0.52 12.18 -24.89
CA ASP E 54 -0.35 11.49 -26.16
C ASP E 54 -1.69 10.99 -26.66
N LEU E 55 -1.90 11.07 -27.97
CA LEU E 55 -3.16 10.70 -28.57
C LEU E 55 -3.56 9.27 -28.21
N SER E 56 -4.79 9.12 -27.70
CA SER E 56 -5.31 7.80 -27.33
C SER E 56 -6.82 7.76 -27.63
N PHE E 57 -7.37 6.56 -27.73
CA PHE E 57 -8.81 6.43 -27.98
C PHE E 57 -9.50 5.45 -27.02
N SER E 58 -10.83 5.48 -27.02
CA SER E 58 -11.62 4.68 -26.11
C SER E 58 -12.16 3.41 -26.78
N LYS E 59 -12.99 2.68 -26.07
CA LYS E 59 -13.55 1.44 -26.56
C LYS E 59 -14.35 1.65 -27.84
N ASP E 60 -15.05 2.79 -27.93
CA ASP E 60 -15.88 3.08 -29.08
C ASP E 60 -15.13 3.82 -30.19
N TRP E 61 -13.81 3.88 -30.05
CA TRP E 61 -12.92 4.45 -31.07
C TRP E 61 -12.85 5.98 -31.06
N SER E 62 -13.51 6.62 -30.10
CA SER E 62 -13.43 8.08 -29.99
C SER E 62 -12.18 8.51 -29.25
N PHE E 63 -11.59 9.63 -29.69
CA PHE E 63 -10.31 10.08 -29.14
C PHE E 63 -10.46 10.90 -27.86
N TYR E 64 -9.40 10.95 -27.07
CA TYR E 64 -9.35 11.83 -25.90
C TYR E 64 -7.94 12.38 -25.65
N LEU E 65 -7.88 13.64 -25.26
CA LEU E 65 -6.60 14.31 -24.99
C LEU E 65 -6.73 15.18 -23.75
N LEU E 66 -5.64 15.33 -23.02
CA LEU E 66 -5.59 16.24 -21.88
C LEU E 66 -4.64 17.40 -22.17
N TYR E 67 -5.19 18.60 -22.24
CA TYR E 67 -4.38 19.80 -22.40
C TYR E 67 -4.22 20.48 -21.05
N TYR E 68 -2.97 20.72 -20.65
CA TYR E 68 -2.70 21.24 -19.32
C TYR E 68 -1.57 22.27 -19.33
N THR E 69 -1.64 23.21 -18.40
CA THR E 69 -0.58 24.20 -18.22
C THR E 69 -0.51 24.69 -16.78
N GLU E 70 0.62 25.27 -16.42
CA GLU E 70 0.84 25.76 -15.06
C GLU E 70 0.14 27.11 -14.89
N PHE E 71 -0.57 27.27 -13.77
CA PHE E 71 -1.26 28.53 -13.52
C PHE E 71 -1.52 28.75 -12.03
N THR E 72 -1.65 30.02 -11.64
CA THR E 72 -1.97 30.37 -10.26
C THR E 72 -3.27 31.16 -10.22
N PRO E 73 -4.32 30.54 -9.64
CA PRO E 73 -5.65 31.16 -9.56
C PRO E 73 -5.60 32.50 -8.82
N ASN E 74 -6.36 33.47 -9.32
CA ASN E 74 -6.46 34.78 -8.67
C ASN E 74 -7.90 35.07 -8.27
N GLU E 75 -8.14 36.32 -7.90
CA GLU E 75 -9.50 36.80 -7.71
C GLU E 75 -9.97 37.42 -9.01
N LYS E 76 -9.17 38.34 -9.53
CA LYS E 76 -9.50 39.06 -10.75
C LYS E 76 -9.44 38.18 -11.99
N ASP E 77 -8.49 37.25 -12.03
CA ASP E 77 -8.24 36.45 -13.22
C ASP E 77 -9.36 35.46 -13.53
N GLU E 78 -9.70 35.36 -14.82
CA GLU E 78 -10.69 34.42 -15.30
C GLU E 78 -10.03 33.46 -16.29
N TYR E 79 -10.33 32.17 -16.16
CA TYR E 79 -9.74 31.17 -17.04
C TYR E 79 -10.83 30.40 -17.80
N ALA E 80 -10.46 29.87 -18.96
CA ALA E 80 -11.40 29.13 -19.79
C ALA E 80 -10.66 28.31 -20.85
N CYS E 81 -11.37 27.35 -21.44
CA CYS E 81 -10.80 26.52 -22.50
C CYS E 81 -11.50 26.80 -23.81
N ARG E 82 -10.72 26.94 -24.89
CA ARG E 82 -11.29 27.17 -26.21
C ARG E 82 -10.99 26.01 -27.13
N VAL E 83 -12.05 25.33 -27.57
CA VAL E 83 -11.91 24.13 -28.40
C VAL E 83 -12.52 24.35 -29.78
N ASN E 84 -11.79 23.89 -30.80
CA ASN E 84 -12.32 23.90 -32.15
C ASN E 84 -12.09 22.55 -32.83
N HIS E 85 -13.11 22.09 -33.55
CA HIS E 85 -13.09 20.79 -34.20
C HIS E 85 -14.00 20.82 -35.42
N VAL E 86 -13.67 20.04 -36.44
CA VAL E 86 -14.42 20.07 -37.69
C VAL E 86 -15.93 20.00 -37.47
N THR E 87 -16.35 19.32 -36.41
CA THR E 87 -17.78 19.11 -36.16
C THR E 87 -18.44 20.30 -35.45
N LEU E 88 -17.70 21.39 -35.26
CA LEU E 88 -18.23 22.55 -34.56
C LEU E 88 -18.52 23.72 -35.52
N SER E 89 -19.58 24.46 -35.24
CA SER E 89 -19.90 25.66 -35.99
C SER E 89 -18.68 26.58 -36.01
N GLY E 90 -18.13 26.81 -34.82
CA GLY E 90 -16.92 27.58 -34.67
C GLY E 90 -16.35 27.26 -33.30
N PRO E 91 -15.22 27.89 -32.94
CA PRO E 91 -14.62 27.64 -31.62
C PRO E 91 -15.65 27.72 -30.51
N ARG E 92 -15.54 26.82 -29.54
CA ARG E 92 -16.42 26.81 -28.39
C ARG E 92 -15.62 27.10 -27.14
N THR E 93 -16.13 27.99 -26.29
CA THR E 93 -15.42 28.39 -25.09
C THR E 93 -16.15 27.92 -23.82
N VAL E 94 -15.41 27.26 -22.93
CA VAL E 94 -15.95 26.81 -21.66
C VAL E 94 -15.19 27.47 -20.51
N LYS E 95 -15.89 28.30 -19.74
CA LYS E 95 -15.29 28.98 -18.62
C LYS E 95 -14.96 28.00 -17.50
N TRP E 96 -13.82 28.22 -16.84
CA TRP E 96 -13.45 27.38 -15.71
C TRP E 96 -14.26 27.75 -14.48
N ASP E 97 -15.01 26.79 -13.97
CA ASP E 97 -15.82 26.98 -12.78
C ASP E 97 -15.15 26.30 -11.58
N ARG E 98 -14.86 27.06 -10.55
CA ARG E 98 -14.14 26.55 -9.38
C ARG E 98 -14.93 25.51 -8.60
N ASP E 99 -16.15 25.23 -9.06
CA ASP E 99 -17.02 24.27 -8.39
C ASP E 99 -17.49 23.16 -9.32
N MET E 100 -16.93 23.14 -10.53
CA MET E 100 -17.24 22.11 -11.51
C MET E 100 -15.95 21.59 -12.18
N TYR F 1 5.49 -4.36 -24.50
CA TYR F 1 6.01 -5.25 -25.52
C TYR F 1 5.05 -5.35 -26.69
N THR F 2 5.45 -4.82 -27.84
CA THR F 2 4.61 -4.84 -29.04
C THR F 2 4.74 -6.16 -29.78
N SER F 3 3.62 -6.54 -30.37
CA SER F 3 3.50 -7.56 -31.35
C SER F 3 3.21 -7.59 -32.78
N GLY F 4 3.29 -6.43 -33.40
CA GLY F 4 3.13 -6.33 -34.82
C GLY F 4 4.43 -6.83 -35.31
N PRO F 5 4.69 -6.59 -36.58
CA PRO F 5 3.85 -5.72 -37.38
C PRO F 5 3.43 -7.03 -37.98
N GLY F 6 2.21 -7.17 -38.44
CA GLY F 6 1.80 -8.40 -39.07
C GLY F 6 1.42 -7.81 -40.39
N ILE F 7 0.67 -8.58 -41.16
CA ILE F 7 0.26 -8.24 -42.51
C ILE F 7 -0.44 -6.94 -42.75
N ARG F 8 -0.37 -6.44 -43.98
CA ARG F 8 -1.00 -5.17 -44.30
C ARG F 8 -2.48 -5.46 -44.51
N TYR F 9 -3.30 -4.41 -44.43
CA TYR F 9 -4.73 -4.55 -44.66
C TYR F 9 -5.02 -4.78 -46.14
N GLY G 1 10.09 -5.22 -8.22
CA GLY G 1 11.50 -4.92 -8.45
C GLY G 1 12.41 -5.97 -7.84
N SER G 2 13.63 -5.56 -7.52
CA SER G 2 14.62 -6.46 -6.95
C SER G 2 14.76 -6.25 -5.45
N HIS G 3 14.97 -7.34 -4.71
CA HIS G 3 15.18 -7.27 -3.27
C HIS G 3 16.54 -7.84 -2.90
N SER G 4 16.96 -7.62 -1.66
CA SER G 4 18.29 -8.04 -1.24
C SER G 4 18.35 -8.28 0.26
N MET G 5 19.09 -9.32 0.64
CA MET G 5 19.45 -9.52 2.02
C MET G 5 20.96 -9.41 2.15
N ARG G 6 21.44 -8.60 3.09
CA ARG G 6 22.87 -8.41 3.27
C ARG G 6 23.27 -8.39 4.74
N TYR G 7 24.46 -8.91 5.02
CA TYR G 7 25.02 -8.85 6.35
C TYR G 7 26.35 -8.10 6.32
N PHE G 8 26.65 -7.37 7.38
CA PHE G 8 27.88 -6.59 7.46
C PHE G 8 28.63 -6.92 8.74
N TYR G 9 29.77 -7.60 8.59
CA TYR G 9 30.59 -8.00 9.72
C TYR G 9 31.76 -7.04 9.90
N THR G 10 32.03 -6.65 11.14
CA THR G 10 33.18 -5.83 11.44
C THR G 10 34.01 -6.44 12.57
N SER G 11 35.27 -6.76 12.27
CA SER G 11 36.17 -7.35 13.26
C SER G 11 37.30 -6.38 13.60
N MET G 12 37.28 -5.88 14.83
CA MET G 12 38.27 -4.89 15.26
C MET G 12 39.21 -5.46 16.31
N SER G 13 40.50 -5.36 16.06
CA SER G 13 41.48 -5.57 17.12
C SER G 13 41.63 -4.22 17.81
N ARG G 14 41.89 -4.23 19.11
CA ARG G 14 41.96 -2.98 19.85
C ARG G 14 42.87 -3.03 21.07
N PRO G 15 44.18 -3.01 20.83
CA PRO G 15 45.14 -2.77 21.91
C PRO G 15 44.85 -1.43 22.56
N GLY G 16 45.43 -1.15 23.72
CA GLY G 16 46.42 -1.99 24.36
C GLY G 16 46.10 -3.47 24.55
N ARG G 17 45.01 -3.78 25.26
CA ARG G 17 44.73 -5.17 25.60
C ARG G 17 43.27 -5.59 25.40
N TRP G 18 42.39 -4.61 25.25
CA TRP G 18 40.97 -4.87 25.04
C TRP G 18 40.79 -6.05 24.09
N GLU G 19 40.02 -7.05 24.49
CA GLU G 19 39.71 -8.18 23.62
C GLU G 19 39.16 -7.68 22.29
N PRO G 20 39.49 -8.38 21.20
CA PRO G 20 38.96 -8.00 19.88
C PRO G 20 37.44 -7.91 19.91
N ARG G 21 36.87 -7.09 19.03
CA ARG G 21 35.43 -6.86 19.02
C ARG G 21 34.80 -7.23 17.68
N PHE G 22 33.66 -7.91 17.73
CA PHE G 22 32.94 -8.29 16.52
C PHE G 22 31.51 -7.78 16.52
N ILE G 23 31.17 -6.98 15.50
CA ILE G 23 29.81 -6.46 15.36
C ILE G 23 29.19 -6.95 14.06
N ALA G 24 27.95 -7.40 14.14
CA ALA G 24 27.24 -7.90 12.96
C ALA G 24 25.89 -7.21 12.80
N VAL G 25 25.53 -6.92 11.55
CA VAL G 25 24.26 -6.28 11.25
C VAL G 25 23.68 -6.84 9.95
N GLY G 26 22.38 -7.10 9.95
CA GLY G 26 21.71 -7.67 8.79
C GLY G 26 20.62 -6.77 8.24
N TYR G 27 20.49 -6.74 6.92
CA TYR G 27 19.51 -5.89 6.24
C TYR G 27 18.67 -6.66 5.25
N VAL G 28 17.39 -6.28 5.14
CA VAL G 28 16.56 -6.66 4.01
C VAL G 28 16.21 -5.38 3.27
N ASP G 29 16.72 -5.23 2.06
CA ASP G 29 16.62 -3.96 1.35
C ASP G 29 17.27 -2.86 2.17
N ASP G 30 16.50 -1.83 2.50
CA ASP G 30 17.02 -0.72 3.30
C ASP G 30 16.59 -0.82 4.77
N THR G 31 16.21 -2.02 5.19
CA THR G 31 15.71 -2.23 6.54
C THR G 31 16.56 -3.21 7.33
N GLN G 32 17.14 -2.75 8.43
CA GLN G 32 17.87 -3.63 9.32
C GLN G 32 16.87 -4.53 10.04
N PHE G 33 17.27 -5.78 10.33
CA PHE G 33 16.38 -6.69 11.03
C PHE G 33 17.05 -7.47 12.16
N VAL G 34 18.37 -7.56 12.13
CA VAL G 34 19.10 -8.21 13.23
C VAL G 34 20.36 -7.44 13.62
N ARG G 35 20.88 -7.75 14.81
CA ARG G 35 22.06 -7.09 15.34
C ARG G 35 22.85 -8.05 16.21
N PHE G 36 24.16 -7.83 16.29
CA PHE G 36 25.01 -8.53 17.25
C PHE G 36 26.23 -7.70 17.61
N ASP G 37 26.59 -7.72 18.89
CA ASP G 37 27.72 -6.96 19.39
C ASP G 37 28.42 -7.74 20.48
N SER G 38 29.62 -8.23 20.19
CA SER G 38 30.37 -9.05 21.14
C SER G 38 30.61 -8.33 22.47
N ASP G 39 30.40 -7.02 22.48
CA ASP G 39 30.59 -6.22 23.69
C ASP G 39 29.31 -6.13 24.52
N ALA G 40 28.16 -6.22 23.86
CA ALA G 40 26.88 -6.10 24.54
C ALA G 40 26.66 -7.22 25.56
N ALA G 41 25.62 -7.07 26.37
CA ALA G 41 25.32 -8.05 27.42
C ALA G 41 24.65 -9.29 26.87
N SER G 42 23.61 -9.08 26.06
CA SER G 42 22.83 -10.18 25.47
C SER G 42 23.67 -11.39 25.08
N GLN G 43 24.69 -11.15 24.25
CA GLN G 43 25.51 -12.23 23.70
C GLN G 43 24.69 -13.12 22.79
N ARG G 44 23.62 -12.55 22.22
CA ARG G 44 22.78 -13.27 21.26
C ARG G 44 22.44 -12.35 20.10
N MET G 45 22.01 -12.95 18.99
CA MET G 45 21.50 -12.18 17.87
C MET G 45 20.16 -11.58 18.27
N GLU G 46 20.04 -10.25 18.17
CA GLU G 46 18.82 -9.57 18.58
C GLU G 46 18.03 -9.05 17.39
N PRO G 47 16.69 -9.09 17.50
CA PRO G 47 15.81 -8.54 16.47
C PRO G 47 15.88 -7.02 16.43
N ARG G 48 15.85 -6.45 15.24
CA ARG G 48 15.80 -4.99 15.09
C ARG G 48 14.64 -4.60 14.19
N ALA G 49 13.82 -5.58 13.83
CA ALA G 49 12.62 -5.34 13.03
C ALA G 49 11.51 -6.29 13.51
N PRO G 50 10.27 -5.78 13.57
CA PRO G 50 9.13 -6.55 14.07
C PRO G 50 8.93 -7.91 13.40
N TRP G 51 9.11 -7.99 12.09
CA TRP G 51 8.74 -9.19 11.34
C TRP G 51 9.68 -10.39 11.50
N VAL G 52 10.76 -10.22 12.25
CA VAL G 52 11.63 -11.35 12.60
C VAL G 52 11.42 -11.75 14.05
N GLU G 53 10.88 -10.83 14.84
CA GLU G 53 10.62 -11.08 16.25
C GLU G 53 9.77 -12.33 16.41
N GLN G 54 8.92 -12.59 15.41
CA GLN G 54 8.06 -13.76 15.41
C GLN G 54 8.79 -14.97 14.83
N GLU G 55 9.94 -15.30 15.43
CA GLU G 55 10.73 -16.45 14.98
C GLU G 55 11.05 -17.39 16.13
N GLY G 56 10.97 -18.69 15.86
CA GLY G 56 11.21 -19.71 16.87
C GLY G 56 12.54 -19.56 17.57
N PRO G 57 12.61 -20.03 18.83
CA PRO G 57 13.83 -19.99 19.64
C PRO G 57 14.97 -20.74 18.96
N GLU G 58 14.61 -21.72 18.14
CA GLU G 58 15.58 -22.51 17.40
C GLU G 58 16.32 -21.65 16.39
N TYR G 59 15.60 -20.69 15.81
CA TYR G 59 16.18 -19.76 14.85
C TYR G 59 17.25 -18.89 15.51
N TRP G 60 16.87 -18.24 16.61
CA TRP G 60 17.79 -17.37 17.34
C TRP G 60 18.93 -18.16 17.95
N ASP G 61 18.69 -19.45 18.21
CA ASP G 61 19.72 -20.32 18.74
C ASP G 61 20.84 -20.51 17.71
N ARG G 62 20.46 -20.74 16.46
CA ARG G 62 21.44 -20.91 15.39
C ARG G 62 22.18 -19.61 15.09
N GLU G 63 21.41 -18.54 14.90
CA GLU G 63 21.99 -17.23 14.62
C GLU G 63 23.04 -16.86 15.65
N THR G 64 22.77 -17.19 16.91
CA THR G 64 23.70 -16.89 18.00
C THR G 64 24.96 -17.75 17.89
N ARG G 65 24.79 -19.01 17.53
CA ARG G 65 25.92 -19.91 17.34
C ARG G 65 26.90 -19.35 16.31
N ASN G 66 26.34 -18.87 15.20
CA ASN G 66 27.16 -18.25 14.16
C ASN G 66 27.93 -17.05 14.67
N MET G 67 27.24 -16.13 15.32
CA MET G 67 27.85 -14.91 15.85
C MET G 67 28.98 -15.23 16.84
N LYS G 68 28.72 -16.15 17.75
CA LYS G 68 29.73 -16.55 18.73
C LYS G 68 30.94 -17.17 18.04
N ALA G 69 30.69 -17.97 17.01
CA ALA G 69 31.74 -18.59 16.24
C ALA G 69 32.56 -17.55 15.49
N GLU G 70 31.87 -16.59 14.89
CA GLU G 70 32.53 -15.48 14.20
C GLU G 70 33.39 -14.70 15.20
N THR G 71 32.86 -14.53 16.40
CA THR G 71 33.55 -13.76 17.44
C THR G 71 34.80 -14.49 17.93
N GLN G 72 34.76 -15.82 17.90
CA GLN G 72 35.91 -16.61 18.33
C GLN G 72 37.00 -16.66 17.26
N ASN G 73 36.58 -16.64 16.00
CA ASN G 73 37.52 -16.64 14.89
C ASN G 73 38.21 -15.28 14.73
N ALA G 74 37.48 -14.22 15.06
CA ALA G 74 37.95 -12.86 14.86
C ALA G 74 39.40 -12.61 15.30
N PRO G 75 39.75 -12.99 16.54
CA PRO G 75 41.12 -12.75 17.01
C PRO G 75 42.15 -13.43 16.11
N VAL G 76 41.88 -14.67 15.71
CA VAL G 76 42.79 -15.43 14.87
C VAL G 76 42.92 -14.80 13.48
N ASN G 77 41.80 -14.40 12.92
CA ASN G 77 41.79 -13.71 11.62
C ASN G 77 42.66 -12.45 11.66
N LEU G 78 42.41 -11.60 12.66
CA LEU G 78 43.17 -10.37 12.82
C LEU G 78 44.65 -10.66 13.02
N ARG G 79 44.94 -11.76 13.72
CA ARG G 79 46.30 -12.16 13.99
C ARG G 79 46.96 -12.67 12.71
N ASN G 80 46.22 -13.45 11.94
CA ASN G 80 46.69 -13.95 10.66
C ASN G 80 47.10 -12.85 9.70
N LEU G 81 46.17 -11.93 9.43
CA LEU G 81 46.43 -10.82 8.51
C LEU G 81 47.56 -9.93 9.03
N ARG G 82 47.66 -9.83 10.34
CA ARG G 82 48.72 -9.05 10.96
C ARG G 82 50.07 -9.67 10.56
N GLY G 83 50.06 -10.98 10.31
CA GLY G 83 51.25 -11.70 9.91
C GLY G 83 51.56 -11.58 8.43
N TYR G 84 50.52 -11.53 7.60
CA TYR G 84 50.73 -11.42 6.15
C TYR G 84 51.38 -10.09 5.81
N TYR G 85 51.04 -9.05 6.56
CA TYR G 85 51.54 -7.72 6.25
C TYR G 85 52.72 -7.33 7.16
N ASN G 86 53.25 -8.32 7.87
CA ASN G 86 54.37 -8.10 8.78
C ASN G 86 54.08 -6.92 9.70
N GLN G 87 52.84 -6.82 10.14
CA GLN G 87 52.36 -5.63 10.83
C GLN G 87 52.69 -5.55 12.31
N SER G 88 52.94 -4.31 12.73
CA SER G 88 53.16 -3.98 14.14
C SER G 88 52.17 -4.77 15.00
N GLU G 89 52.69 -5.49 15.98
CA GLU G 89 51.85 -6.31 16.85
C GLU G 89 51.07 -5.46 17.84
N ALA G 90 51.35 -4.17 17.88
CA ALA G 90 50.73 -3.30 18.86
C ALA G 90 49.76 -2.32 18.25
N GLY G 91 49.27 -2.62 17.06
CA GLY G 91 48.38 -1.70 16.36
C GLY G 91 46.97 -2.21 16.19
N SER G 92 46.05 -1.30 15.85
CA SER G 92 44.66 -1.66 15.63
C SER G 92 44.36 -1.88 14.16
N HIS G 93 43.49 -2.84 13.86
CA HIS G 93 43.14 -3.16 12.48
C HIS G 93 41.70 -3.63 12.37
N THR G 94 41.17 -3.62 11.15
CA THR G 94 39.78 -3.96 10.92
C THR G 94 39.61 -4.93 9.77
N ILE G 95 38.77 -5.93 9.97
CA ILE G 95 38.36 -6.83 8.90
C ILE G 95 36.86 -6.72 8.71
N GLN G 96 36.46 -6.30 7.52
CA GLN G 96 35.04 -6.18 7.19
C GLN G 96 34.62 -7.26 6.21
N ARG G 97 33.40 -7.76 6.37
CA ARG G 97 32.86 -8.75 5.47
C ARG G 97 31.41 -8.46 5.11
N MET G 98 31.14 -8.40 3.82
CA MET G 98 29.78 -8.21 3.34
C MET G 98 29.41 -9.36 2.40
N TYR G 99 28.24 -9.94 2.63
CA TYR G 99 27.74 -10.99 1.76
C TYR G 99 26.22 -10.94 1.74
N GLY G 100 25.62 -11.70 0.82
CA GLY G 100 24.18 -11.72 0.70
C GLY G 100 23.73 -11.99 -0.73
N CYS G 101 22.41 -11.98 -0.93
CA CYS G 101 21.85 -12.34 -2.21
C CYS G 101 20.95 -11.25 -2.77
N ASP G 102 20.82 -11.23 -4.09
CA ASP G 102 19.89 -10.34 -4.78
C ASP G 102 18.82 -11.16 -5.45
N LEU G 103 17.56 -10.88 -5.11
CA LEU G 103 16.42 -11.59 -5.68
C LEU G 103 15.87 -10.83 -6.88
N GLY G 104 15.85 -11.49 -8.04
CA GLY G 104 15.36 -10.88 -9.25
C GLY G 104 13.84 -10.93 -9.37
N PRO G 105 13.27 -10.10 -10.25
CA PRO G 105 11.83 -10.09 -10.50
C PRO G 105 11.33 -11.45 -10.93
N ASP G 106 12.24 -12.30 -11.41
CA ASP G 106 11.90 -13.65 -11.84
C ASP G 106 11.79 -14.61 -10.66
N GLY G 107 12.31 -14.19 -9.51
CA GLY G 107 12.26 -15.00 -8.31
C GLY G 107 13.45 -15.92 -8.17
N ARG G 108 14.48 -15.68 -8.97
CA ARG G 108 15.71 -16.48 -8.90
C ARG G 108 16.90 -15.58 -8.58
N LEU G 109 18.02 -16.18 -8.19
CA LEU G 109 19.20 -15.43 -7.77
C LEU G 109 19.73 -14.49 -8.86
N LEU G 110 19.59 -13.18 -8.62
CA LEU G 110 20.05 -12.17 -9.58
C LEU G 110 21.55 -11.93 -9.45
N ARG G 111 22.02 -11.83 -8.21
CA ARG G 111 23.45 -11.70 -7.95
C ARG G 111 23.80 -12.13 -6.52
N GLY G 112 25.03 -12.62 -6.35
CA GLY G 112 25.49 -13.06 -5.04
C GLY G 112 26.74 -12.31 -4.61
N TYR G 113 26.99 -12.28 -3.31
CA TYR G 113 28.12 -11.52 -2.78
C TYR G 113 28.86 -12.22 -1.65
N HIS G 114 30.16 -11.97 -1.60
CA HIS G 114 30.99 -12.35 -0.45
C HIS G 114 32.35 -11.67 -0.61
N GLN G 115 32.50 -10.51 0.01
CA GLN G 115 33.72 -9.74 -0.13
C GLN G 115 34.22 -9.21 1.20
N SER G 116 35.54 -9.19 1.36
CA SER G 116 36.15 -8.74 2.61
C SER G 116 37.10 -7.58 2.35
N ALA G 117 37.32 -6.79 3.39
CA ALA G 117 38.25 -5.67 3.32
C ALA G 117 39.17 -5.68 4.53
N TYR G 118 40.39 -5.20 4.33
CA TYR G 118 41.32 -5.06 5.45
C TYR G 118 41.75 -3.60 5.59
N ASP G 119 41.31 -2.97 6.68
CA ASP G 119 41.61 -1.58 6.95
C ASP G 119 41.05 -0.66 5.88
N GLY G 120 39.87 -1.03 5.36
CA GLY G 120 39.14 -0.18 4.45
C GLY G 120 39.39 -0.43 2.97
N LYS G 121 40.38 -1.25 2.66
CA LYS G 121 40.69 -1.56 1.27
C LYS G 121 40.25 -2.96 0.88
N ASP G 122 39.78 -3.11 -0.35
CA ASP G 122 39.39 -4.41 -0.87
C ASP G 122 40.47 -5.43 -0.56
N TYR G 123 40.07 -6.58 -0.01
CA TYR G 123 41.03 -7.62 0.37
C TYR G 123 40.87 -8.84 -0.53
N ILE G 124 39.76 -9.55 -0.36
CA ILE G 124 39.46 -10.70 -1.20
C ILE G 124 37.96 -10.70 -1.49
N ALA G 125 37.56 -11.25 -2.64
CA ALA G 125 36.16 -11.24 -3.04
C ALA G 125 35.78 -12.39 -3.96
N LEU G 126 34.60 -12.95 -3.74
CA LEU G 126 34.04 -13.97 -4.61
C LEU G 126 33.61 -13.33 -5.91
N ASN G 127 33.98 -13.94 -7.02
CA ASN G 127 33.61 -13.44 -8.33
C ASN G 127 32.12 -13.63 -8.60
N GLU G 128 31.60 -12.95 -9.62
CA GLU G 128 30.18 -13.02 -9.91
C GLU G 128 29.74 -14.42 -10.33
N ASP G 129 30.71 -15.26 -10.71
CA ASP G 129 30.41 -16.64 -11.10
C ASP G 129 30.27 -17.55 -9.88
N LEU G 130 30.58 -17.00 -8.70
CA LEU G 130 30.48 -17.74 -7.45
C LEU G 130 31.32 -19.02 -7.45
N ARG G 131 32.39 -19.02 -8.24
CA ARG G 131 33.23 -20.21 -8.35
C ARG G 131 34.72 -19.89 -8.24
N SER G 132 35.06 -18.61 -8.22
CA SER G 132 36.44 -18.19 -8.13
C SER G 132 36.60 -16.95 -7.25
N TRP G 133 37.83 -16.67 -6.85
CA TRP G 133 38.12 -15.54 -5.97
C TRP G 133 38.99 -14.49 -6.65
N THR G 134 38.94 -13.27 -6.13
CA THR G 134 39.81 -12.20 -6.59
C THR G 134 40.56 -11.59 -5.41
N ALA G 135 41.84 -11.91 -5.30
CA ALA G 135 42.68 -11.41 -4.21
C ALA G 135 43.33 -10.08 -4.59
N ALA G 136 43.36 -9.15 -3.63
CA ALA G 136 43.91 -7.82 -3.88
C ALA G 136 45.43 -7.84 -3.95
N ASP G 137 46.05 -8.81 -3.30
CA ASP G 137 47.50 -8.90 -3.28
C ASP G 137 47.98 -10.28 -2.80
N MET G 138 49.30 -10.45 -2.76
CA MET G 138 49.89 -11.73 -2.35
C MET G 138 49.50 -12.10 -0.92
N ALA G 139 49.16 -11.09 -0.12
CA ALA G 139 48.68 -11.33 1.23
C ALA G 139 47.34 -12.05 1.17
N ALA G 140 46.40 -11.44 0.46
CA ALA G 140 45.07 -12.01 0.30
C ALA G 140 45.13 -13.41 -0.31
N GLN G 141 46.15 -13.67 -1.12
CA GLN G 141 46.30 -14.99 -1.73
C GLN G 141 46.63 -16.06 -0.69
N ASN G 142 47.22 -15.65 0.43
CA ASN G 142 47.40 -16.54 1.56
C ASN G 142 46.03 -17.03 2.01
N THR G 143 45.08 -16.11 2.07
CA THR G 143 43.70 -16.43 2.40
C THR G 143 43.06 -17.24 1.28
N GLN G 144 43.25 -16.78 0.04
CA GLN G 144 42.69 -17.47 -1.11
C GLN G 144 43.12 -18.93 -1.13
N ARG G 145 44.41 -19.17 -0.90
CA ARG G 145 44.94 -20.53 -0.86
C ARG G 145 44.25 -21.37 0.21
N LYS G 146 43.85 -20.71 1.30
CA LYS G 146 43.12 -21.39 2.38
C LYS G 146 41.70 -21.74 1.97
N TRP G 147 40.98 -20.76 1.43
CA TRP G 147 39.58 -20.95 1.08
C TRP G 147 39.38 -21.88 -0.11
N GLU G 148 40.37 -21.94 -1.00
CA GLU G 148 40.30 -22.85 -2.14
C GLU G 148 40.52 -24.29 -1.69
N ALA G 149 41.46 -24.48 -0.76
CA ALA G 149 41.75 -25.80 -0.23
C ALA G 149 40.52 -26.40 0.44
N ALA G 150 39.73 -25.54 1.08
CA ALA G 150 38.55 -25.99 1.82
C ALA G 150 37.30 -25.97 0.95
N GLY G 151 37.46 -25.63 -0.32
CA GLY G 151 36.33 -25.54 -1.23
C GLY G 151 35.25 -24.63 -0.69
N GLU G 152 35.61 -23.38 -0.43
CA GLU G 152 34.70 -22.42 0.18
C GLU G 152 33.86 -21.68 -0.87
N ALA G 153 34.38 -21.58 -2.10
CA ALA G 153 33.64 -20.96 -3.19
C ALA G 153 32.26 -21.59 -3.29
N GLU G 154 32.20 -22.83 -3.76
CA GLU G 154 31.01 -23.63 -3.56
C GLU G 154 29.99 -23.72 -2.44
N GLN G 155 30.44 -23.71 -1.20
CA GLN G 155 29.59 -23.97 -0.04
C GLN G 155 29.03 -22.61 0.36
N HIS G 156 29.40 -21.58 -0.40
CA HIS G 156 28.79 -20.27 -0.24
C HIS G 156 27.84 -20.04 -1.41
N ARG G 157 28.17 -20.60 -2.56
CA ARG G 157 27.27 -20.57 -3.70
C ARG G 157 26.00 -21.32 -3.34
N THR G 158 26.18 -22.45 -2.67
CA THR G 158 25.06 -23.26 -2.20
C THR G 158 24.17 -22.45 -1.27
N TYR G 159 24.81 -21.73 -0.35
CA TYR G 159 24.08 -20.86 0.57
C TYR G 159 23.35 -19.75 -0.20
N LEU G 160 24.09 -19.06 -1.05
CA LEU G 160 23.55 -17.93 -1.80
C LEU G 160 22.35 -18.32 -2.66
N GLU G 161 22.41 -19.50 -3.27
CA GLU G 161 21.36 -19.95 -4.18
C GLU G 161 20.22 -20.63 -3.43
N GLY G 162 20.44 -20.98 -2.20
CA GLY G 162 19.40 -21.65 -1.44
C GLY G 162 18.92 -20.84 -0.29
N GLU G 163 19.54 -21.00 0.86
CA GLU G 163 19.11 -20.24 1.99
C GLU G 163 19.06 -18.74 1.79
N CYS G 164 20.13 -18.05 1.42
CA CYS G 164 19.99 -16.59 1.44
C CYS G 164 18.65 -16.32 0.85
N LEU G 165 18.30 -17.06 -0.18
CA LEU G 165 17.17 -16.72 -1.00
C LEU G 165 15.84 -17.22 -0.49
N GLU G 166 15.82 -18.38 0.11
CA GLU G 166 14.60 -18.88 0.64
C GLU G 166 14.23 -18.02 1.80
N TRP G 167 15.21 -17.63 2.59
CA TRP G 167 14.92 -16.85 3.78
C TRP G 167 14.59 -15.39 3.45
N LEU G 168 15.22 -14.85 2.41
CA LEU G 168 14.87 -13.51 1.96
C LEU G 168 13.38 -13.45 1.64
N ARG G 169 12.92 -14.41 0.84
CA ARG G 169 11.51 -14.51 0.48
C ARG G 169 10.65 -14.62 1.73
N ARG G 170 11.11 -15.39 2.71
CA ARG G 170 10.39 -15.54 3.96
C ARG G 170 10.22 -14.21 4.68
N TYR G 171 11.32 -13.49 4.85
CA TYR G 171 11.28 -12.17 5.47
C TYR G 171 10.34 -11.25 4.70
N LEU G 172 10.46 -11.27 3.37
CA LEU G 172 9.68 -10.39 2.52
C LEU G 172 8.17 -10.63 2.66
N GLU G 173 7.78 -11.88 2.88
CA GLU G 173 6.38 -12.23 3.03
C GLU G 173 5.83 -11.80 4.39
N ASN G 174 6.63 -12.04 5.43
CA ASN G 174 6.22 -11.71 6.79
C ASN G 174 6.20 -10.21 7.07
N GLY G 175 7.05 -9.47 6.36
CA GLY G 175 7.11 -8.03 6.50
C GLY G 175 6.47 -7.32 5.33
N LYS G 176 5.79 -8.11 4.50
CA LYS G 176 5.11 -7.64 3.29
C LYS G 176 4.54 -6.22 3.41
N GLU G 177 3.69 -6.02 4.42
CA GLU G 177 2.95 -4.75 4.54
C GLU G 177 3.83 -3.52 4.72
N THR G 178 5.11 -3.73 5.01
CA THR G 178 6.04 -2.61 5.12
C THR G 178 7.18 -2.74 4.12
N LEU G 179 7.83 -3.91 4.11
CA LEU G 179 8.96 -4.15 3.23
C LEU G 179 8.62 -3.92 1.75
N GLN G 180 7.41 -4.29 1.35
CA GLN G 180 7.01 -4.19 -0.04
C GLN G 180 6.09 -3.01 -0.29
N ARG G 181 6.03 -2.10 0.69
CA ARG G 181 5.28 -0.87 0.53
C ARG G 181 6.24 0.30 0.31
N ALA G 182 5.92 1.15 -0.64
CA ALA G 182 6.74 2.32 -0.92
C ALA G 182 6.09 3.59 -0.39
N ASP G 183 6.76 4.25 0.56
CA ASP G 183 6.28 5.51 1.10
C ASP G 183 6.81 6.64 0.24
N PRO G 184 5.92 7.36 -0.44
CA PRO G 184 6.33 8.47 -1.30
C PRO G 184 6.85 9.65 -0.47
N PRO G 185 7.83 10.38 -1.02
CA PRO G 185 8.46 11.53 -0.34
C PRO G 185 7.50 12.71 -0.17
N LYS G 186 7.56 13.35 0.99
CA LYS G 186 6.90 14.63 1.20
C LYS G 186 7.89 15.71 0.77
N THR G 187 7.45 16.61 -0.11
CA THR G 187 8.36 17.57 -0.71
C THR G 187 7.98 19.03 -0.48
N HIS G 188 8.99 19.90 -0.47
CA HIS G 188 8.79 21.34 -0.37
C HIS G 188 10.09 22.05 -0.78
N VAL G 189 10.01 23.37 -0.94
CA VAL G 189 11.18 24.15 -1.35
C VAL G 189 11.44 25.33 -0.44
N THR G 190 12.71 25.53 -0.09
CA THR G 190 13.11 26.65 0.75
C THR G 190 14.02 27.61 -0.03
N HIS G 191 14.06 28.87 0.41
CA HIS G 191 14.83 29.90 -0.27
C HIS G 191 15.67 30.73 0.71
N HIS G 192 16.98 30.77 0.47
CA HIS G 192 17.89 31.54 1.30
C HIS G 192 18.80 32.41 0.43
N PRO G 193 18.86 33.70 0.72
CA PRO G 193 19.74 34.63 -0.01
C PRO G 193 21.22 34.36 0.28
N VAL G 194 22.05 34.39 -0.77
CA VAL G 194 23.49 34.27 -0.61
C VAL G 194 24.12 35.66 -0.67
N SER G 195 23.87 36.35 -1.77
CA SER G 195 24.30 37.74 -1.93
C SER G 195 23.20 38.46 -2.72
N ASP G 196 23.53 39.61 -3.28
CA ASP G 196 22.57 40.36 -4.09
C ASP G 196 22.46 39.92 -5.54
N GLN G 197 23.50 39.25 -6.03
CA GLN G 197 23.49 38.70 -7.38
C GLN G 197 22.91 37.28 -7.39
N GLU G 198 22.96 36.61 -6.24
CA GLU G 198 22.59 35.20 -6.18
C GLU G 198 21.73 34.85 -4.96
N ALA G 199 21.19 33.63 -4.97
CA ALA G 199 20.38 33.11 -3.88
C ALA G 199 20.35 31.59 -3.96
N THR G 200 19.91 30.94 -2.88
CA THR G 200 19.90 29.48 -2.81
C THR G 200 18.49 28.90 -2.81
N LEU G 201 18.24 27.97 -3.72
CA LEU G 201 16.98 27.24 -3.78
C LEU G 201 17.21 25.79 -3.37
N ARG G 202 16.54 25.35 -2.31
CA ARG G 202 16.73 24.00 -1.80
C ARG G 202 15.45 23.16 -1.91
N CYS G 203 15.56 22.03 -2.60
CA CYS G 203 14.43 21.11 -2.79
C CYS G 203 14.47 19.99 -1.76
N TRP G 204 13.41 19.86 -0.98
CA TRP G 204 13.37 18.88 0.10
C TRP G 204 12.60 17.61 -0.25
N ALA G 205 13.07 16.49 0.29
CA ALA G 205 12.38 15.21 0.18
C ALA G 205 12.44 14.51 1.54
N LEU G 206 11.28 14.25 2.13
CA LEU G 206 11.23 13.73 3.49
C LEU G 206 10.37 12.47 3.67
N GLY G 207 10.79 11.62 4.59
CA GLY G 207 10.00 10.47 5.00
C GLY G 207 9.66 9.46 3.93
N PHE G 208 10.60 9.20 3.02
CA PHE G 208 10.35 8.25 1.95
C PHE G 208 11.04 6.90 2.17
N TYR G 209 10.54 5.89 1.45
CA TYR G 209 11.12 4.55 1.47
C TYR G 209 10.70 3.86 0.18
N PRO G 210 11.64 3.17 -0.48
CA PRO G 210 13.03 2.98 -0.02
C PRO G 210 13.91 4.22 -0.24
N ALA G 211 15.19 4.09 0.08
CA ALA G 211 16.12 5.22 0.04
C ALA G 211 16.39 5.71 -1.38
N GLU G 212 16.31 4.82 -2.35
CA GLU G 212 16.52 5.18 -3.75
C GLU G 212 15.64 6.35 -4.16
N ILE G 213 16.27 7.45 -4.56
CA ILE G 213 15.54 8.63 -5.00
C ILE G 213 16.41 9.46 -5.93
N THR G 214 15.77 10.34 -6.70
CA THR G 214 16.49 11.20 -7.62
C THR G 214 15.99 12.64 -7.55
N LEU G 215 16.89 13.55 -7.18
CA LEU G 215 16.56 14.97 -7.10
C LEU G 215 17.38 15.76 -8.12
N THR G 216 16.70 16.52 -8.96
CA THR G 216 17.36 17.35 -9.96
C THR G 216 16.67 18.69 -10.12
N TRP G 217 17.47 19.75 -10.18
CA TRP G 217 16.95 21.08 -10.49
C TRP G 217 17.03 21.33 -11.99
N GLN G 218 16.00 21.95 -12.56
CA GLN G 218 15.95 22.17 -13.99
C GLN G 218 15.65 23.62 -14.38
N ARG G 219 16.23 24.02 -15.51
CA ARG G 219 15.98 25.34 -16.09
C ARG G 219 16.08 25.21 -17.60
N ASP G 220 15.11 25.79 -18.31
CA ASP G 220 15.06 25.67 -19.76
C ASP G 220 15.04 24.20 -20.17
N GLY G 221 14.49 23.36 -19.31
CA GLY G 221 14.39 21.94 -19.57
C GLY G 221 15.72 21.21 -19.47
N GLU G 222 16.67 21.81 -18.75
CA GLU G 222 17.99 21.23 -18.61
C GLU G 222 18.42 21.12 -17.15
N ASP G 223 19.18 20.08 -16.83
CA ASP G 223 19.63 19.83 -15.47
C ASP G 223 20.86 20.66 -15.11
N GLN G 224 20.87 21.21 -13.90
CA GLN G 224 22.01 21.98 -13.41
C GLN G 224 22.98 21.07 -12.67
N THR G 225 23.57 20.13 -13.40
CA THR G 225 24.41 19.10 -12.79
C THR G 225 25.47 19.63 -11.83
N GLN G 226 26.46 20.35 -12.35
CA GLN G 226 27.57 20.81 -11.52
C GLN G 226 27.24 22.08 -10.74
N ASP G 227 25.96 22.44 -10.69
CA ASP G 227 25.52 23.57 -9.88
C ASP G 227 24.59 23.08 -8.78
N THR G 228 24.17 21.83 -8.90
CA THR G 228 23.29 21.20 -7.92
C THR G 228 24.10 20.51 -6.83
N GLU G 229 23.84 20.89 -5.59
CA GLU G 229 24.50 20.29 -4.43
C GLU G 229 23.61 19.22 -3.81
N LEU G 230 23.96 17.95 -4.03
CA LEU G 230 23.21 16.83 -3.49
C LEU G 230 23.84 16.31 -2.20
N VAL G 231 23.09 16.36 -1.11
CA VAL G 231 23.55 15.79 0.15
C VAL G 231 23.27 14.29 0.19
N GLU G 232 24.19 13.54 0.79
CA GLU G 232 24.01 12.11 0.97
C GLU G 232 22.64 11.84 1.59
N THR G 233 21.94 10.84 1.06
CA THR G 233 20.65 10.46 1.60
C THR G 233 20.82 9.97 3.04
N ARG G 234 20.01 10.53 3.94
CA ARG G 234 20.19 10.29 5.37
C ARG G 234 18.98 9.63 6.01
N PRO G 235 19.17 8.97 7.15
CA PRO G 235 18.10 8.31 7.89
C PRO G 235 17.25 9.31 8.68
N ALA G 236 15.94 9.26 8.51
CA ALA G 236 15.06 10.11 9.29
C ALA G 236 15.09 9.71 10.76
N GLY G 237 15.27 8.41 11.00
CA GLY G 237 15.33 7.88 12.34
C GLY G 237 14.10 7.04 12.67
N ASP G 238 13.12 7.09 11.77
CA ASP G 238 11.87 6.35 11.94
C ASP G 238 11.74 5.24 10.89
N GLY G 239 12.84 4.92 10.23
CA GLY G 239 12.84 3.89 9.21
C GLY G 239 12.87 4.47 7.80
N THR G 240 12.43 5.71 7.67
CA THR G 240 12.41 6.38 6.37
C THR G 240 13.70 7.17 6.16
N PHE G 241 13.75 7.93 5.07
CA PHE G 241 14.97 8.67 4.73
C PHE G 241 14.68 10.11 4.30
N GLN G 242 15.74 10.92 4.25
CA GLN G 242 15.63 12.31 3.87
C GLN G 242 16.75 12.70 2.90
N LYS G 243 16.49 13.69 2.06
CA LYS G 243 17.48 14.18 1.12
C LYS G 243 17.04 15.52 0.54
N TRP G 244 18.01 16.39 0.27
CA TRP G 244 17.70 17.65 -0.41
C TRP G 244 18.70 17.97 -1.52
N ALA G 245 18.31 18.89 -2.39
CA ALA G 245 19.16 19.32 -3.49
C ALA G 245 19.11 20.84 -3.59
N ALA G 246 20.28 21.46 -3.58
CA ALA G 246 20.35 22.92 -3.63
C ALA G 246 21.03 23.41 -4.90
N VAL G 247 20.66 24.61 -5.32
CA VAL G 247 21.30 25.24 -6.47
C VAL G 247 21.33 26.75 -6.28
N VAL G 248 22.46 27.37 -6.63
CA VAL G 248 22.60 28.81 -6.50
C VAL G 248 22.18 29.51 -7.78
N VAL G 249 21.20 30.41 -7.66
CA VAL G 249 20.61 31.05 -8.83
C VAL G 249 20.50 32.56 -8.67
N PRO G 250 20.50 33.30 -9.78
CA PRO G 250 20.33 34.75 -9.79
C PRO G 250 19.03 35.18 -9.13
N SER G 251 19.09 36.22 -8.30
CA SER G 251 17.90 36.73 -7.63
C SER G 251 16.88 37.21 -8.63
N GLY G 252 15.60 37.13 -8.26
CA GLY G 252 14.52 37.55 -9.14
C GLY G 252 14.14 36.50 -10.15
N LYS G 253 15.15 35.82 -10.70
CA LYS G 253 14.92 34.76 -11.68
C LYS G 253 14.79 33.39 -11.03
N GLU G 254 14.14 33.35 -9.86
CA GLU G 254 13.96 32.11 -9.12
C GLU G 254 13.04 31.16 -9.89
N GLN G 255 12.03 31.73 -10.55
CA GLN G 255 10.96 30.94 -11.18
C GLN G 255 11.35 30.17 -12.44
N ARG G 256 12.54 30.41 -12.97
CA ARG G 256 12.99 29.67 -14.13
C ARG G 256 13.59 28.32 -13.72
N TYR G 257 13.51 28.02 -12.43
CA TYR G 257 14.06 26.78 -11.89
C TYR G 257 12.99 25.92 -11.23
N THR G 258 12.87 24.68 -11.69
CA THR G 258 11.92 23.74 -11.12
C THR G 258 12.63 22.48 -10.64
N CYS G 259 12.22 21.96 -9.48
CA CYS G 259 12.83 20.74 -8.94
C CYS G 259 12.03 19.51 -9.33
N HIS G 260 12.74 18.47 -9.78
CA HIS G 260 12.11 17.23 -10.20
C HIS G 260 12.42 16.08 -9.25
N VAL G 261 11.40 15.62 -8.52
CA VAL G 261 11.55 14.54 -7.55
C VAL G 261 11.07 13.22 -8.11
N GLN G 262 11.97 12.22 -8.15
CA GLN G 262 11.61 10.90 -8.67
C GLN G 262 11.74 9.82 -7.60
N HIS G 263 10.64 9.12 -7.35
CA HIS G 263 10.63 8.04 -6.36
C HIS G 263 9.61 6.98 -6.76
N GLU G 264 9.89 5.73 -6.41
CA GLU G 264 9.04 4.62 -6.85
C GLU G 264 7.69 4.61 -6.13
N GLY G 265 7.50 5.54 -5.21
CA GLY G 265 6.23 5.68 -4.51
C GLY G 265 5.30 6.63 -5.22
N LEU G 266 5.83 7.37 -6.19
CA LEU G 266 5.04 8.33 -6.95
C LEU G 266 4.66 7.75 -8.31
N ARG G 267 3.50 8.13 -8.81
CA ARG G 267 3.05 7.68 -10.12
C ARG G 267 3.68 8.52 -11.21
N GLU G 268 3.61 9.83 -11.05
CA GLU G 268 4.28 10.77 -11.93
C GLU G 268 5.37 11.45 -11.13
N PRO G 269 6.56 11.64 -11.73
CA PRO G 269 7.62 12.38 -11.03
C PRO G 269 7.09 13.71 -10.50
N LEU G 270 7.52 14.08 -9.31
CA LEU G 270 7.01 15.28 -8.65
C LEU G 270 7.68 16.53 -9.21
N THR G 271 6.91 17.60 -9.39
CA THR G 271 7.43 18.85 -9.91
C THR G 271 6.98 20.04 -9.07
N LEU G 272 7.93 20.84 -8.61
CA LEU G 272 7.62 21.97 -7.74
C LEU G 272 8.61 23.12 -7.87
N ARG G 273 8.20 24.28 -7.37
CA ARG G 273 9.06 25.46 -7.34
C ARG G 273 8.91 26.19 -6.02
N TRP G 274 9.68 27.26 -5.86
CA TRP G 274 9.65 28.05 -4.62
C TRP G 274 8.37 28.88 -4.51
N GLU G 275 7.63 28.68 -3.43
CA GLU G 275 6.37 29.39 -3.20
C GLU G 275 6.49 30.36 -2.03
N PRO G 276 6.82 31.63 -2.34
CA PRO G 276 6.98 32.68 -1.31
C PRO G 276 5.74 32.82 -0.44
N MET H 1 48.04 2.33 5.81
CA MET H 1 46.74 2.62 6.42
C MET H 1 46.21 4.00 6.03
N ILE H 2 45.21 4.02 5.15
CA ILE H 2 44.50 5.26 4.88
C ILE H 2 43.33 5.38 5.84
N GLN H 3 43.20 6.55 6.45
CA GLN H 3 42.11 6.79 7.40
C GLN H 3 41.19 7.87 6.85
N ARG H 4 39.89 7.58 6.85
CA ARG H 4 38.90 8.42 6.16
C ARG H 4 38.21 9.41 7.10
N THR H 5 37.87 10.57 6.56
CA THR H 5 37.22 11.64 7.32
C THR H 5 35.72 11.40 7.54
N PRO H 6 35.17 11.95 8.63
CA PRO H 6 33.74 11.83 8.95
C PRO H 6 32.91 12.94 8.32
N LYS H 7 31.88 12.57 7.56
CA LYS H 7 30.91 13.53 7.06
C LYS H 7 29.80 13.69 8.11
N ILE H 8 29.37 14.93 8.33
CA ILE H 8 28.40 15.20 9.39
C ILE H 8 27.15 15.91 8.88
N GLN H 9 25.99 15.50 9.40
CA GLN H 9 24.73 16.18 9.13
C GLN H 9 23.91 16.28 10.41
N VAL H 10 23.45 17.48 10.72
CA VAL H 10 22.62 17.71 11.90
C VAL H 10 21.22 18.11 11.47
N TYR H 11 20.22 17.37 11.95
CA TYR H 11 18.85 17.61 11.54
C TYR H 11 17.85 16.93 12.49
N SER H 12 16.57 17.15 12.25
CA SER H 12 15.53 16.58 13.10
C SER H 12 14.76 15.47 12.37
N ARG H 13 14.28 14.50 13.13
CA ARG H 13 13.49 13.40 12.58
C ARG H 13 12.28 13.95 11.83
N HIS H 14 11.54 14.83 12.48
CA HIS H 14 10.39 15.48 11.86
C HIS H 14 10.68 16.96 11.65
N PRO H 15 9.86 17.63 10.83
CA PRO H 15 10.01 19.07 10.63
C PRO H 15 9.94 19.81 11.97
N PRO H 16 10.95 20.66 12.25
CA PRO H 16 11.04 21.42 13.50
C PRO H 16 9.80 22.30 13.72
N GLU H 17 9.30 22.33 14.94
CA GLU H 17 8.14 23.13 15.28
C GLU H 17 8.21 23.59 16.74
N ASN H 18 8.27 24.91 16.94
CA ASN H 18 8.39 25.48 18.27
C ASN H 18 7.41 24.89 19.28
N GLY H 19 7.93 24.19 20.28
CA GLY H 19 7.12 23.66 21.37
C GLY H 19 6.69 22.22 21.19
N LYS H 20 7.05 21.61 20.07
CA LYS H 20 6.66 20.25 19.78
C LYS H 20 7.83 19.26 19.93
N PRO H 21 7.61 18.19 20.70
CA PRO H 21 8.63 17.14 20.88
C PRO H 21 9.11 16.59 19.54
N ASN H 22 10.39 16.23 19.48
CA ASN H 22 11.01 15.78 18.25
C ASN H 22 12.26 14.97 18.56
N PHE H 23 13.00 14.59 17.53
CA PHE H 23 14.27 13.90 17.72
C PHE H 23 15.40 14.65 17.00
N LEU H 24 16.46 14.96 17.73
CA LEU H 24 17.63 15.60 17.15
C LEU H 24 18.58 14.53 16.63
N ASN H 25 18.90 14.59 15.34
CA ASN H 25 19.74 13.59 14.70
C ASN H 25 21.12 14.12 14.31
N CYS H 26 22.13 13.28 14.47
CA CYS H 26 23.46 13.56 13.96
C CYS H 26 23.96 12.37 13.16
N TYR H 27 24.05 12.55 11.85
CA TYR H 27 24.42 11.46 10.96
C TYR H 27 25.89 11.58 10.53
N VAL H 28 26.71 10.63 10.96
CA VAL H 28 28.12 10.60 10.58
C VAL H 28 28.39 9.44 9.63
N SER H 29 29.19 9.68 8.59
CA SER H 29 29.43 8.65 7.59
C SER H 29 30.69 8.92 6.77
N GLY H 30 31.15 7.89 6.05
CA GLY H 30 32.29 8.02 5.15
C GLY H 30 33.63 8.00 5.86
N PHE H 31 33.63 7.57 7.12
CA PHE H 31 34.83 7.60 7.94
C PHE H 31 35.41 6.20 8.18
N HIS H 32 36.69 6.17 8.49
CA HIS H 32 37.39 4.93 8.81
C HIS H 32 38.62 5.31 9.65
N PRO H 33 38.87 4.55 10.73
CA PRO H 33 38.14 3.37 11.22
C PRO H 33 36.81 3.71 11.87
N SER H 34 36.24 2.75 12.59
CA SER H 34 34.90 2.87 13.14
C SER H 34 34.82 3.65 14.44
N ASP H 35 35.90 3.63 15.23
CA ASP H 35 35.92 4.39 16.47
C ASP H 35 35.63 5.87 16.20
N ILE H 36 34.69 6.43 16.95
CA ILE H 36 34.30 7.82 16.74
C ILE H 36 33.59 8.41 17.97
N GLU H 37 33.79 9.71 18.18
CA GLU H 37 33.14 10.42 19.27
C GLU H 37 32.07 11.36 18.72
N VAL H 38 30.81 11.07 19.08
CA VAL H 38 29.70 11.93 18.67
C VAL H 38 28.88 12.36 19.87
N ASP H 39 28.58 13.66 19.94
CA ASP H 39 27.81 14.21 21.05
C ASP H 39 26.83 15.27 20.55
N LEU H 40 25.62 15.25 21.11
CA LEU H 40 24.63 16.28 20.84
C LEU H 40 24.74 17.38 21.87
N LEU H 41 24.59 18.63 21.44
CA LEU H 41 24.80 19.77 22.33
C LEU H 41 23.59 20.70 22.41
N LYS H 42 23.13 20.94 23.63
CA LYS H 42 22.09 21.92 23.89
C LYS H 42 22.71 23.14 24.56
N ASN H 43 22.92 24.20 23.79
CA ASN H 43 23.60 25.39 24.28
C ASN H 43 25.00 25.05 24.77
N GLY H 44 25.79 24.45 23.89
CA GLY H 44 27.16 24.09 24.21
C GLY H 44 27.29 23.04 25.29
N GLU H 45 26.15 22.55 25.77
CA GLU H 45 26.14 21.62 26.89
C GLU H 45 25.97 20.18 26.40
N LYS H 46 26.85 19.30 26.87
CA LYS H 46 26.75 17.88 26.53
C LYS H 46 25.35 17.37 26.87
N MET H 47 24.67 16.80 25.89
CA MET H 47 23.26 16.48 26.02
C MET H 47 22.99 15.15 26.74
N GLY H 48 21.81 15.04 27.33
CA GLY H 48 21.47 13.97 28.25
C GLY H 48 21.38 12.47 28.03
N LYS H 49 20.46 12.06 27.16
CA LYS H 49 20.33 10.64 26.83
C LYS H 49 20.42 10.38 25.33
N VAL H 50 21.65 10.22 24.84
CA VAL H 50 21.90 10.04 23.42
C VAL H 50 22.13 8.58 23.05
N GLU H 51 21.44 8.10 22.02
CA GLU H 51 21.61 6.74 21.52
C GLU H 51 22.13 6.78 20.09
N HIS H 52 22.61 5.63 19.61
CA HIS H 52 23.09 5.53 18.24
C HIS H 52 22.75 4.19 17.61
N SER H 53 22.66 4.18 16.28
CA SER H 53 22.36 2.96 15.54
C SER H 53 23.51 1.97 15.64
N ASP H 54 23.30 0.78 15.10
CA ASP H 54 24.33 -0.27 15.14
C ASP H 54 25.34 -0.07 14.03
N LEU H 55 26.61 -0.26 14.36
CA LEU H 55 27.70 -0.04 13.41
C LEU H 55 27.43 -0.73 12.07
N SER H 56 27.48 0.06 11.00
CA SER H 56 27.27 -0.45 9.64
C SER H 56 28.19 0.28 8.66
N PHE H 57 28.54 -0.38 7.57
CA PHE H 57 29.39 0.25 6.56
C PHE H 57 28.76 0.24 5.17
N SER H 58 29.32 1.04 4.27
CA SER H 58 28.78 1.19 2.93
C SER H 58 29.54 0.35 1.92
N LYS H 59 29.15 0.49 0.66
CA LYS H 59 29.75 -0.26 -0.44
C LYS H 59 31.26 -0.07 -0.51
N ASP H 60 31.74 1.12 -0.13
CA ASP H 60 33.17 1.41 -0.21
C ASP H 60 33.89 1.18 1.13
N TRP H 61 33.21 0.51 2.06
CA TRP H 61 33.80 0.10 3.33
C TRP H 61 33.88 1.21 4.39
N SER H 62 33.32 2.38 4.09
CA SER H 62 33.30 3.46 5.07
C SER H 62 32.10 3.29 6.01
N PHE H 63 32.31 3.62 7.28
CA PHE H 63 31.29 3.40 8.30
C PHE H 63 30.28 4.54 8.38
N TYR H 64 29.07 4.22 8.85
CA TYR H 64 28.06 5.24 9.11
C TYR H 64 27.24 4.93 10.36
N LEU H 65 26.95 5.96 11.14
CA LEU H 65 26.18 5.81 12.37
C LEU H 65 25.18 6.94 12.51
N LEU H 66 24.06 6.67 13.16
CA LEU H 66 23.08 7.71 13.47
C LEU H 66 22.99 7.90 14.98
N TYR H 67 23.38 9.09 15.45
CA TYR H 67 23.22 9.45 16.84
C TYR H 67 21.98 10.33 17.00
N TYR H 68 21.08 9.92 17.87
CA TYR H 68 19.81 10.64 18.04
C TYR H 68 19.41 10.76 19.50
N THR H 69 18.68 11.83 19.81
CA THR H 69 18.14 12.01 21.14
C THR H 69 16.83 12.80 21.09
N GLU H 70 16.12 12.83 22.21
CA GLU H 70 14.84 13.52 22.28
C GLU H 70 15.08 14.99 22.63
N PHE H 71 14.44 15.89 21.89
CA PHE H 71 14.61 17.32 22.15
C PHE H 71 13.40 18.14 21.75
N THR H 72 13.28 19.34 22.28
CA THR H 72 12.14 20.19 21.94
C THR H 72 12.63 21.57 21.61
N PRO H 73 12.50 21.93 20.36
CA PRO H 73 13.03 23.17 19.86
C PRO H 73 12.21 24.35 20.32
N ASN H 74 12.88 25.26 20.98
CA ASN H 74 12.24 26.45 21.46
C ASN H 74 13.12 27.57 21.05
N GLU H 75 12.55 28.59 20.47
CA GLU H 75 13.35 29.62 19.88
C GLU H 75 14.69 29.88 20.55
N LYS H 76 14.75 29.96 21.86
CA LYS H 76 15.95 30.63 22.40
C LYS H 76 17.13 29.65 22.44
N ASP H 77 16.84 28.37 22.31
CA ASP H 77 17.88 27.34 22.44
C ASP H 77 18.63 27.03 21.14
N GLU H 78 19.90 26.71 21.30
CA GLU H 78 20.78 26.40 20.16
C GLU H 78 21.28 24.96 20.28
N TYR H 79 21.20 24.22 19.17
CA TYR H 79 21.65 22.84 19.17
C TYR H 79 22.77 22.61 18.15
N ALA H 80 23.64 21.65 18.44
CA ALA H 80 24.75 21.34 17.55
C ALA H 80 25.25 19.92 17.78
N CYS H 81 25.99 19.41 16.81
CA CYS H 81 26.61 18.09 16.93
C CYS H 81 28.12 18.24 17.02
N ARG H 82 28.73 17.57 17.98
CA ARG H 82 30.18 17.60 18.13
C ARG H 82 30.79 16.24 17.84
N VAL H 83 31.63 16.19 16.82
CA VAL H 83 32.21 14.92 16.37
C VAL H 83 33.72 14.93 16.49
N ASN H 84 34.29 13.83 16.97
CA ASN H 84 35.74 13.68 17.00
C ASN H 84 36.15 12.32 16.44
N HIS H 85 37.20 12.35 15.62
CA HIS H 85 37.68 11.14 14.96
C HIS H 85 39.18 11.31 14.74
N VAL H 86 39.91 10.19 14.69
CA VAL H 86 41.36 10.24 14.57
C VAL H 86 41.83 11.16 13.44
N THR H 87 41.03 11.25 12.38
CA THR H 87 41.42 12.00 11.20
C THR H 87 41.21 13.51 11.34
N LEU H 88 40.70 13.94 12.49
CA LEU H 88 40.44 15.36 12.73
C LEU H 88 41.51 15.98 13.63
N SER H 89 41.83 17.24 13.36
CA SER H 89 42.77 17.98 14.20
C SER H 89 42.26 18.01 15.64
N GLY H 90 40.97 18.30 15.78
CA GLY H 90 40.30 18.28 17.06
C GLY H 90 38.81 18.20 16.84
N PRO H 91 38.03 18.12 17.93
CA PRO H 91 36.58 18.03 17.81
C PRO H 91 36.02 19.08 16.86
N ARG H 92 35.17 18.63 15.93
CA ARG H 92 34.50 19.54 15.01
C ARG H 92 33.04 19.69 15.40
N THR H 93 32.55 20.93 15.41
CA THR H 93 31.17 21.20 15.82
C THR H 93 30.34 21.76 14.67
N VAL H 94 29.19 21.13 14.43
CA VAL H 94 28.27 21.58 13.40
C VAL H 94 26.96 22.05 14.03
N LYS H 95 26.61 23.30 13.80
CA LYS H 95 25.38 23.87 14.35
C LYS H 95 24.16 23.35 13.60
N TRP H 96 23.08 23.10 14.35
CA TRP H 96 21.83 22.68 13.73
C TRP H 96 21.12 23.85 13.07
N ASP H 97 21.01 23.80 11.75
CA ASP H 97 20.29 24.81 11.00
C ASP H 97 18.89 24.29 10.68
N ARG H 98 17.88 25.00 11.17
CA ARG H 98 16.49 24.57 11.01
C ARG H 98 16.07 24.53 9.55
N ASP H 99 16.99 24.84 8.65
CA ASP H 99 16.71 24.82 7.21
C ASP H 99 17.64 23.89 6.45
N MET H 100 18.52 23.21 7.18
CA MET H 100 19.41 22.21 6.58
C MET H 100 19.35 20.87 7.32
N TYR I 1 19.27 -16.22 5.83
CA TYR I 1 19.75 -15.77 7.12
C TYR I 1 21.28 -15.70 7.16
N THR I 2 21.89 -16.23 8.21
CA THR I 2 23.32 -16.14 8.36
C THR I 2 24.01 -17.31 7.68
N SER I 3 25.24 -17.14 7.19
CA SER I 3 25.96 -18.20 6.51
C SER I 3 27.07 -18.78 7.37
N GLY I 4 27.57 -17.96 8.29
CA GLY I 4 28.77 -18.26 9.06
C GLY I 4 28.90 -19.56 9.84
N PRO I 5 30.13 -19.88 10.28
CA PRO I 5 31.30 -19.07 9.99
C PRO I 5 32.34 -19.31 8.89
N GLY I 6 32.30 -20.47 8.26
CA GLY I 6 33.23 -20.79 7.20
C GLY I 6 34.65 -21.01 7.68
N ILE I 7 35.61 -20.66 6.82
CA ILE I 7 37.03 -20.88 7.11
C ILE I 7 37.72 -19.58 7.53
N ARG I 8 38.77 -19.71 8.32
CA ARG I 8 39.55 -18.55 8.76
C ARG I 8 40.37 -17.95 7.63
N TYR I 9 40.74 -16.69 7.77
CA TYR I 9 41.58 -16.02 6.79
C TYR I 9 43.00 -16.54 6.84
#